data_7AIV
#
_entry.id   7AIV
#
_cell.length_a   92.030
_cell.length_b   106.660
_cell.length_c   151.470
_cell.angle_alpha   90.000
_cell.angle_beta   90.000
_cell.angle_gamma   90.000
#
_symmetry.space_group_name_H-M   'P 21 21 21'
#
loop_
_entity.id
_entity.type
_entity.pdbx_description
1 polymer Acetylcholinesterase
2 non-polymer 4-{[(3-Chloro-6,7,10,11-tetrahydro-9-methyl-7,11-methanocycloocta[b]quinolin-12-yl)amino]methyl}-N-(4-hydroxy-3-methoxybenzyl)benzamide
3 water water
#
_entity_poly.entity_id   1
_entity_poly.type   'polypeptide(L)'
_entity_poly.pdbx_seq_one_letter_code
;MNLLVTSSLGVLLHLVVLCQADDHSELLVNTKSGKVMGTRVPVLSSHISAFLGIPFAEPPVGNMRFRRPEPKKPWSGVWN
ASTYPNNCQQYVDEQFPGFSGSEMWNPNREMSEDCLYLNIWVPSPRPKSTTVMVWIYGGGFYSGSSTLDVYNGKYLAYTE
EVVLVSLSYRVGAFGFLALHGSQEAPGNVGLLDQRMALQWVHDNIQFFGGDPKTVTIFGESAGGASVGMHILSPGSRDLF
RRAILQSGSPNCPWASVSVAEGRRRAVELGRNLNCNLNSDEELIHCLREKKPQELIDVEWNVLPFDSIFRFSFVPVIDGE
FFPTSLESMLNSGNFKKTQILLGVNKDEGSFFLLYGAPGFSKDSESKISREDFMSGVKLSVPHANDLGLDAVTLQYTDWM
DDNNGIKNRDGLDDIVGDHNVICPLMHFVNKYTKFGNGTYLYFFNHRASNLVWPEWMGVIHGYEIEFVFGLPLVKELNYT
AEEEALSRRIMHYWATFAKTGNPNEPHSQESKWPLFTTKEQKFIDLNTEPMKVHQRLRVQMCVFWNQFLPKLLNATACDG
ELSSSGTSSSKGIIFYVLFSILYLIF
;
_entity_poly.pdbx_strand_id   A,B
#
# COMPACT_ATOMS: atom_id res chain seq x y z
N SER A 25 -24.22 -39.91 13.84
CA SER A 25 -24.04 -39.57 15.26
C SER A 25 -23.61 -38.10 15.42
N GLU A 26 -22.48 -37.76 14.81
CA GLU A 26 -22.10 -36.35 14.71
C GLU A 26 -23.11 -35.58 13.85
N LEU A 27 -23.72 -36.24 12.86
CA LEU A 27 -24.68 -35.61 11.98
C LEU A 27 -26.12 -35.71 12.46
N LEU A 28 -26.37 -36.44 13.53
CA LEU A 28 -27.72 -36.62 14.07
C LEU A 28 -27.82 -35.84 15.37
N VAL A 29 -28.71 -34.86 15.39
CA VAL A 29 -28.82 -33.91 16.49
C VAL A 29 -30.29 -33.79 16.88
N ASN A 30 -30.57 -33.94 18.16
CA ASN A 30 -31.94 -33.83 18.66
C ASN A 30 -32.16 -32.41 19.16
N THR A 31 -33.17 -31.75 18.60
CA THR A 31 -33.48 -30.39 18.98
C THR A 31 -34.77 -30.40 19.80
N LYS A 32 -35.04 -29.26 20.46
CA LYS A 32 -36.29 -29.11 21.20
C LYS A 32 -37.52 -29.23 20.31
N SER A 33 -37.35 -29.14 18.99
CA SER A 33 -38.44 -29.29 18.05
C SER A 33 -38.51 -30.68 17.43
N GLY A 34 -37.39 -31.39 17.35
CA GLY A 34 -37.34 -32.68 16.72
C GLY A 34 -35.93 -33.02 16.33
N LYS A 35 -35.77 -34.25 15.84
CA LYS A 35 -34.47 -34.72 15.39
C LYS A 35 -34.16 -34.20 13.99
N VAL A 36 -32.87 -33.95 13.74
CA VAL A 36 -32.39 -33.41 12.47
CA VAL A 36 -32.42 -33.45 12.45
C VAL A 36 -31.18 -34.23 12.04
N MET A 37 -31.09 -34.52 10.74
CA MET A 37 -29.97 -35.24 10.15
C MET A 37 -29.28 -34.32 9.15
N GLY A 38 -28.04 -33.96 9.43
CA GLY A 38 -27.24 -33.12 8.56
C GLY A 38 -26.42 -33.93 7.56
N THR A 39 -25.41 -33.28 6.99
CA THR A 39 -24.61 -33.90 5.93
C THR A 39 -23.17 -33.43 6.01
N ARG A 40 -22.25 -34.35 5.75
CA ARG A 40 -20.83 -34.01 5.70
CA ARG A 40 -20.83 -34.02 5.69
C ARG A 40 -20.52 -33.28 4.40
N VAL A 41 -19.83 -32.15 4.50
CA VAL A 41 -19.52 -31.34 3.32
C VAL A 41 -18.01 -31.08 3.25
N PRO A 42 -17.41 -31.13 2.06
CA PRO A 42 -15.98 -30.81 1.95
C PRO A 42 -15.76 -29.30 1.97
N VAL A 43 -14.65 -28.90 2.56
CA VAL A 43 -14.31 -27.49 2.70
C VAL A 43 -12.80 -27.39 2.59
N LEU A 44 -12.33 -26.66 1.57
CA LEU A 44 -10.94 -26.74 1.15
C LEU A 44 -10.49 -28.21 1.14
N SER A 45 -9.51 -28.58 1.96
CA SER A 45 -8.98 -29.95 1.96
C SER A 45 -9.41 -30.74 3.19
N SER A 46 -10.58 -30.43 3.73
CA SER A 46 -11.07 -31.10 4.93
C SER A 46 -12.59 -31.18 4.85
N HIS A 47 -13.24 -31.35 5.99
CA HIS A 47 -14.69 -31.53 6.02
C HIS A 47 -15.26 -30.90 7.29
N ILE A 48 -16.52 -30.47 7.21
CA ILE A 48 -17.32 -30.11 8.38
C ILE A 48 -18.76 -30.54 8.14
N SER A 49 -19.58 -30.43 9.19
CA SER A 49 -20.98 -30.79 9.15
C SER A 49 -21.84 -29.61 8.73
N ALA A 50 -22.88 -29.88 7.96
CA ALA A 50 -23.83 -28.87 7.57
C ALA A 50 -25.25 -29.36 7.86
N PHE A 51 -26.05 -28.48 8.46
CA PHE A 51 -27.47 -28.72 8.68
C PHE A 51 -28.24 -27.66 7.91
N LEU A 52 -28.88 -28.07 6.81
CA LEU A 52 -29.45 -27.16 5.83
C LEU A 52 -30.98 -27.22 5.85
N GLY A 53 -31.61 -26.06 5.88
CA GLY A 53 -33.05 -26.01 5.76
C GLY A 53 -33.80 -26.45 7.00
N ILE A 54 -33.21 -26.28 8.17
CA ILE A 54 -33.94 -26.59 9.42
C ILE A 54 -35.12 -25.65 9.56
N PRO A 55 -36.33 -26.13 9.79
CA PRO A 55 -37.45 -25.23 10.01
C PRO A 55 -37.42 -24.64 11.40
N PHE A 56 -37.72 -23.34 11.49
CA PHE A 56 -37.85 -22.70 12.79
C PHE A 56 -39.22 -22.06 12.99
N ALA A 57 -40.05 -21.98 11.96
CA ALA A 57 -41.37 -21.37 12.07
C ALA A 57 -42.39 -22.24 11.36
N GLU A 58 -43.66 -22.02 11.70
CA GLU A 58 -44.75 -22.58 10.90
C GLU A 58 -44.86 -21.82 9.59
N PRO A 59 -45.03 -22.50 8.46
CA PRO A 59 -45.13 -21.81 7.17
C PRO A 59 -46.19 -20.74 7.20
N PRO A 60 -45.82 -19.49 6.84
CA PRO A 60 -46.80 -18.38 6.86
C PRO A 60 -47.67 -18.34 5.60
N VAL A 61 -48.38 -19.44 5.36
CA VAL A 61 -49.17 -19.62 4.16
C VAL A 61 -50.64 -19.35 4.45
N GLY A 62 -51.44 -19.26 3.38
CA GLY A 62 -52.88 -19.06 3.50
C GLY A 62 -53.29 -17.90 4.37
N ASN A 63 -54.11 -18.18 5.39
CA ASN A 63 -54.55 -17.13 6.31
C ASN A 63 -53.45 -16.66 7.22
N MET A 64 -52.26 -17.26 7.15
CA MET A 64 -51.12 -16.80 7.93
CA MET A 64 -51.12 -16.81 7.93
C MET A 64 -50.21 -15.86 7.17
N ARG A 65 -50.62 -15.39 5.99
CA ARG A 65 -49.83 -14.41 5.27
C ARG A 65 -50.03 -13.03 5.89
N PHE A 66 -48.93 -12.28 6.01
CA PHE A 66 -48.85 -10.94 6.64
C PHE A 66 -48.93 -11.04 8.16
N ARG A 67 -48.75 -12.24 8.69
CA ARG A 67 -48.86 -12.63 10.09
C ARG A 67 -47.58 -12.54 10.86
N ARG A 68 -47.71 -12.27 12.16
CA ARG A 68 -46.64 -12.65 13.05
C ARG A 68 -46.38 -14.13 12.87
N PRO A 69 -45.14 -14.57 12.76
CA PRO A 69 -44.87 -16.00 12.58
C PRO A 69 -45.20 -16.79 13.85
N GLU A 70 -45.52 -18.06 13.65
CA GLU A 70 -45.75 -18.91 14.82
C GLU A 70 -44.67 -19.97 14.90
N PRO A 71 -44.25 -20.36 16.11
CA PRO A 71 -43.15 -21.33 16.24
C PRO A 71 -43.48 -22.63 15.51
N LYS A 72 -42.45 -23.23 14.92
CA LYS A 72 -42.61 -24.51 14.23
C LYS A 72 -43.07 -25.57 15.21
N LYS A 73 -44.24 -26.17 14.94
CA LYS A 73 -44.75 -27.22 15.81
C LYS A 73 -43.84 -28.44 15.73
N PRO A 74 -43.50 -29.05 16.86
CA PRO A 74 -42.54 -30.16 16.84
C PRO A 74 -42.97 -31.26 15.88
N TRP A 75 -41.99 -31.95 15.33
CA TRP A 75 -42.20 -33.01 14.36
C TRP A 75 -41.67 -34.34 14.91
N SER A 76 -42.33 -35.43 14.53
CA SER A 76 -41.78 -36.74 14.79
C SER A 76 -40.88 -37.15 13.63
N GLY A 77 -40.08 -38.18 13.85
CA GLY A 77 -39.16 -38.61 12.82
C GLY A 77 -37.90 -37.78 12.77
N VAL A 78 -37.15 -37.99 11.70
CA VAL A 78 -35.85 -37.35 11.47
C VAL A 78 -35.97 -36.38 10.30
N TRP A 79 -35.69 -35.11 10.55
CA TRP A 79 -35.76 -34.11 9.50
C TRP A 79 -34.53 -34.23 8.60
N ASN A 80 -34.75 -34.53 7.33
CA ASN A 80 -33.66 -34.48 6.36
C ASN A 80 -33.23 -33.02 6.20
N ALA A 81 -31.98 -32.74 6.56
CA ALA A 81 -31.46 -31.37 6.50
C ALA A 81 -30.13 -31.36 5.77
N SER A 82 -30.11 -32.00 4.60
CA SER A 82 -28.92 -32.05 3.77
C SER A 82 -29.06 -31.19 2.52
N THR A 83 -30.15 -30.44 2.40
CA THR A 83 -30.40 -29.65 1.20
C THR A 83 -30.91 -28.28 1.59
N TYR A 84 -30.48 -27.28 0.82
CA TYR A 84 -30.90 -25.90 1.04
C TYR A 84 -32.42 -25.79 0.97
N PRO A 85 -33.03 -24.94 1.78
CA PRO A 85 -34.48 -24.77 1.71
C PRO A 85 -34.88 -23.92 0.53
N ASN A 86 -36.18 -23.64 0.41
CA ASN A 86 -36.67 -22.71 -0.58
C ASN A 86 -36.23 -21.28 -0.24
N ASN A 87 -36.41 -20.39 -1.22
CA ASN A 87 -36.23 -18.96 -1.02
C ASN A 87 -37.60 -18.28 -0.93
N CYS A 88 -37.67 -17.23 -0.12
CA CYS A 88 -38.94 -16.51 0.03
C CYS A 88 -39.33 -15.82 -1.28
N GLN A 89 -40.62 -15.50 -1.38
CA GLN A 89 -41.16 -14.87 -2.57
C GLN A 89 -40.56 -13.47 -2.70
N GLN A 90 -39.92 -13.19 -3.84
CA GLN A 90 -39.28 -11.90 -4.02
C GLN A 90 -39.21 -11.53 -5.49
N TYR A 91 -39.05 -10.22 -5.73
CA TYR A 91 -38.67 -9.72 -7.05
C TYR A 91 -37.39 -10.40 -7.52
N VAL A 92 -37.29 -10.64 -8.82
CA VAL A 92 -36.14 -11.31 -9.42
C VAL A 92 -35.52 -10.37 -10.44
N ASP A 93 -34.23 -10.09 -10.30
CA ASP A 93 -33.55 -9.16 -11.19
C ASP A 93 -33.23 -9.84 -12.52
N GLU A 94 -33.79 -9.30 -13.62
CA GLU A 94 -33.57 -9.84 -14.95
CA GLU A 94 -33.52 -9.86 -14.94
C GLU A 94 -32.99 -8.80 -15.90
N GLN A 95 -32.22 -7.85 -15.37
CA GLN A 95 -31.65 -6.81 -16.23
C GLN A 95 -30.55 -7.38 -17.13
N PHE A 96 -29.70 -8.25 -16.61
CA PHE A 96 -28.59 -8.85 -17.35
C PHE A 96 -28.70 -10.37 -17.26
N PRO A 97 -29.58 -10.97 -18.06
CA PRO A 97 -29.76 -12.43 -17.97
C PRO A 97 -28.48 -13.16 -18.34
N GLY A 98 -28.16 -14.19 -17.55
CA GLY A 98 -26.93 -14.93 -17.74
C GLY A 98 -25.69 -14.29 -17.15
N PHE A 99 -25.75 -13.02 -16.76
CA PHE A 99 -24.58 -12.32 -16.22
C PHE A 99 -24.36 -12.75 -14.77
N SER A 100 -23.22 -13.39 -14.52
CA SER A 100 -22.92 -13.89 -13.18
C SER A 100 -22.89 -12.76 -12.16
N GLY A 101 -22.49 -11.54 -12.57
CA GLY A 101 -22.39 -10.44 -11.63
C GLY A 101 -23.72 -10.06 -11.00
N SER A 102 -24.80 -10.18 -11.76
CA SER A 102 -26.13 -9.92 -11.20
C SER A 102 -26.83 -11.18 -10.71
N GLU A 103 -26.62 -12.32 -11.35
CA GLU A 103 -27.39 -13.50 -10.98
C GLU A 103 -26.87 -14.21 -9.74
N MET A 104 -25.62 -13.95 -9.35
CA MET A 104 -25.13 -14.42 -8.06
C MET A 104 -25.97 -13.93 -6.89
N TRP A 105 -26.87 -12.97 -7.10
CA TRP A 105 -27.74 -12.43 -6.06
C TRP A 105 -29.16 -12.95 -6.11
N ASN A 106 -29.60 -13.53 -7.22
CA ASN A 106 -30.98 -13.99 -7.37
C ASN A 106 -31.20 -15.31 -6.64
N PRO A 107 -32.47 -15.63 -6.29
CA PRO A 107 -32.77 -16.95 -5.73
C PRO A 107 -32.16 -18.06 -6.56
N ASN A 108 -31.32 -18.90 -5.95
CA ASN A 108 -30.78 -20.09 -6.61
C ASN A 108 -31.55 -21.33 -6.22
N ARG A 109 -32.72 -21.16 -5.62
CA ARG A 109 -33.59 -22.25 -5.23
CA ARG A 109 -33.59 -22.23 -5.19
C ARG A 109 -35.03 -21.87 -5.58
N GLU A 110 -35.91 -22.85 -5.55
CA GLU A 110 -37.30 -22.53 -5.84
C GLU A 110 -37.85 -21.56 -4.81
N MET A 111 -38.70 -20.65 -5.27
CA MET A 111 -39.33 -19.66 -4.41
C MET A 111 -40.64 -20.20 -3.85
N SER A 112 -40.95 -19.81 -2.62
CA SER A 112 -42.17 -20.25 -1.96
C SER A 112 -42.45 -19.35 -0.77
N GLU A 113 -43.73 -19.19 -0.44
CA GLU A 113 -44.11 -18.55 0.82
C GLU A 113 -43.74 -19.42 2.01
N ASP A 114 -43.53 -20.72 1.80
CA ASP A 114 -42.99 -21.62 2.82
C ASP A 114 -41.48 -21.53 2.70
N CYS A 115 -40.88 -20.61 3.46
CA CYS A 115 -39.46 -20.34 3.33
C CYS A 115 -38.72 -20.09 4.64
N LEU A 116 -39.37 -20.20 5.80
CA LEU A 116 -38.76 -19.79 7.06
C LEU A 116 -37.90 -20.93 7.63
N TYR A 117 -36.69 -21.03 7.10
CA TYR A 117 -35.73 -22.07 7.46
C TYR A 117 -34.39 -21.42 7.82
N LEU A 118 -33.53 -22.18 8.48
CA LEU A 118 -32.20 -21.69 8.82
C LEU A 118 -31.17 -22.77 8.53
N ASN A 119 -29.93 -22.35 8.33
CA ASN A 119 -28.82 -23.23 7.98
C ASN A 119 -27.70 -23.09 9.01
N ILE A 120 -27.01 -24.19 9.29
CA ILE A 120 -25.94 -24.22 10.28
C ILE A 120 -24.74 -24.98 9.72
N TRP A 121 -23.53 -24.45 9.96
CA TRP A 121 -22.27 -25.09 9.61
C TRP A 121 -21.47 -25.27 10.89
N VAL A 122 -21.20 -26.52 11.24
CA VAL A 122 -20.57 -26.88 12.51
C VAL A 122 -19.21 -27.49 12.22
N PRO A 123 -18.14 -27.03 12.85
CA PRO A 123 -16.83 -27.66 12.66
C PRO A 123 -16.86 -29.13 13.04
N SER A 124 -15.99 -29.90 12.39
CA SER A 124 -15.80 -31.31 12.71
C SER A 124 -14.35 -31.55 13.13
N PRO A 125 -14.16 -32.08 14.34
CA PRO A 125 -15.23 -32.52 15.26
C PRO A 125 -16.03 -31.39 15.92
N ARG A 126 -17.16 -31.74 16.53
CA ARG A 126 -18.10 -30.75 17.02
C ARG A 126 -17.60 -30.12 18.30
N PRO A 127 -17.48 -28.79 18.37
CA PRO A 127 -17.01 -28.15 19.60
C PRO A 127 -18.01 -28.30 20.73
N LYS A 128 -17.54 -27.96 21.93
CA LYS A 128 -18.40 -28.00 23.13
C LYS A 128 -19.25 -26.74 23.24
N SER A 129 -18.59 -25.60 23.48
CA SER A 129 -19.25 -24.31 23.60
C SER A 129 -18.44 -23.30 22.79
N THR A 130 -18.70 -23.20 21.50
CA THR A 130 -17.95 -22.30 20.66
C THR A 130 -18.81 -21.13 20.20
N THR A 131 -18.14 -20.06 19.79
CA THR A 131 -18.79 -18.82 19.38
C THR A 131 -19.72 -19.05 18.20
N VAL A 132 -20.83 -18.32 18.19
CA VAL A 132 -21.88 -18.45 17.20
C VAL A 132 -22.06 -17.11 16.48
N MET A 133 -22.08 -17.15 15.14
CA MET A 133 -22.38 -16.00 14.30
C MET A 133 -23.63 -16.31 13.49
N VAL A 134 -24.56 -15.36 13.42
CA VAL A 134 -25.84 -15.55 12.76
C VAL A 134 -25.96 -14.54 11.63
N TRP A 135 -25.86 -15.03 10.39
CA TRP A 135 -25.94 -14.17 9.20
C TRP A 135 -27.39 -13.78 8.89
N ILE A 136 -27.61 -12.50 8.57
CA ILE A 136 -28.90 -11.97 8.19
C ILE A 136 -28.75 -11.30 6.83
N TYR A 137 -29.29 -11.90 5.78
CA TYR A 137 -29.06 -11.34 4.45
C TYR A 137 -29.78 -10.00 4.29
N GLY A 138 -29.24 -9.17 3.38
CA GLY A 138 -29.88 -7.94 2.99
C GLY A 138 -30.52 -8.05 1.62
N GLY A 139 -30.99 -6.90 1.13
CA GLY A 139 -31.69 -6.84 -0.13
C GLY A 139 -32.89 -5.92 -0.11
N GLY A 140 -32.72 -4.73 0.46
CA GLY A 140 -33.76 -3.70 0.47
C GLY A 140 -35.04 -4.04 1.21
N PHE A 141 -35.07 -5.16 1.93
CA PHE A 141 -36.25 -5.75 2.56
C PHE A 141 -37.25 -6.29 1.55
N TYR A 142 -36.90 -6.29 0.26
CA TYR A 142 -37.77 -6.86 -0.75
C TYR A 142 -37.14 -8.04 -1.49
N SER A 143 -35.95 -8.48 -1.09
CA SER A 143 -35.30 -9.63 -1.70
C SER A 143 -34.21 -10.14 -0.75
N GLY A 144 -33.61 -11.27 -1.15
CA GLY A 144 -32.59 -11.90 -0.34
C GLY A 144 -32.80 -13.39 -0.14
N SER A 145 -31.70 -14.16 -0.10
CA SER A 145 -31.77 -15.59 0.09
C SER A 145 -30.63 -16.03 1.00
N SER A 146 -30.89 -17.00 1.87
CA SER A 146 -29.86 -17.56 2.73
C SER A 146 -28.95 -18.55 2.00
N THR A 147 -29.26 -18.90 0.76
CA THR A 147 -28.65 -20.03 0.09
C THR A 147 -27.70 -19.62 -1.04
N LEU A 148 -27.41 -18.32 -1.17
CA LEU A 148 -26.53 -17.85 -2.22
C LEU A 148 -25.11 -18.39 -2.02
N ASP A 149 -24.36 -18.44 -3.13
CA ASP A 149 -22.99 -18.93 -3.07
C ASP A 149 -22.13 -18.10 -2.14
N VAL A 150 -22.30 -16.78 -2.16
CA VAL A 150 -21.43 -15.91 -1.38
C VAL A 150 -21.75 -15.99 0.11
N TYR A 151 -22.94 -16.48 0.49
CA TYR A 151 -23.26 -16.68 1.90
C TYR A 151 -22.94 -18.07 2.41
N ASN A 152 -22.30 -18.93 1.61
CA ASN A 152 -22.01 -20.28 2.07
C ASN A 152 -21.06 -20.25 3.26
N GLY A 153 -21.47 -20.85 4.36
CA GLY A 153 -20.73 -20.65 5.59
C GLY A 153 -19.62 -21.60 5.88
N LYS A 154 -19.32 -22.55 4.99
CA LYS A 154 -18.36 -23.60 5.35
C LYS A 154 -16.96 -23.03 5.57
N TYR A 155 -16.53 -22.07 4.74
CA TYR A 155 -15.17 -21.53 4.89
C TYR A 155 -15.01 -20.79 6.21
N LEU A 156 -16.03 -20.05 6.64
CA LEU A 156 -15.91 -19.30 7.88
C LEU A 156 -15.93 -20.26 9.08
N ALA A 157 -16.95 -21.13 9.13
CA ALA A 157 -17.04 -22.09 10.24
C ALA A 157 -15.77 -22.91 10.37
N TYR A 158 -15.20 -23.33 9.25
CA TYR A 158 -14.03 -24.20 9.28
C TYR A 158 -12.75 -23.44 9.61
N THR A 159 -12.61 -22.21 9.10
CA THR A 159 -11.36 -21.48 9.28
C THR A 159 -11.25 -20.86 10.68
N GLU A 160 -12.36 -20.38 11.24
CA GLU A 160 -12.33 -19.69 12.52
C GLU A 160 -12.96 -20.50 13.65
N GLU A 161 -13.31 -21.75 13.40
CA GLU A 161 -13.86 -22.66 14.42
CA GLU A 161 -13.87 -22.65 14.41
C GLU A 161 -15.08 -22.03 15.11
N VAL A 162 -16.01 -21.53 14.29
CA VAL A 162 -17.26 -20.99 14.81
C VAL A 162 -18.42 -21.82 14.27
N VAL A 163 -19.56 -21.73 14.96
CA VAL A 163 -20.82 -22.31 14.50
C VAL A 163 -21.55 -21.21 13.74
N LEU A 164 -21.68 -21.37 12.43
CA LEU A 164 -22.22 -20.32 11.59
C LEU A 164 -23.67 -20.62 11.22
N VAL A 165 -24.56 -19.67 11.50
CA VAL A 165 -25.98 -19.79 11.21
C VAL A 165 -26.36 -18.71 10.21
N SER A 166 -27.08 -19.09 9.16
CA SER A 166 -27.76 -18.14 8.29
C SER A 166 -29.26 -18.39 8.41
N LEU A 167 -30.00 -17.34 8.77
CA LEU A 167 -31.44 -17.38 8.90
C LEU A 167 -32.11 -16.90 7.62
N SER A 168 -33.44 -16.88 7.62
CA SER A 168 -34.24 -16.31 6.54
C SER A 168 -35.40 -15.53 7.15
N TYR A 169 -36.03 -14.70 6.33
CA TYR A 169 -37.16 -13.90 6.77
C TYR A 169 -37.93 -13.41 5.55
N ARG A 170 -39.23 -13.19 5.74
CA ARG A 170 -40.08 -12.74 4.67
C ARG A 170 -39.70 -11.33 4.23
N VAL A 171 -39.65 -11.13 2.92
CA VAL A 171 -39.30 -9.83 2.35
C VAL A 171 -40.50 -9.29 1.57
N GLY A 172 -40.35 -8.10 0.99
CA GLY A 172 -41.41 -7.42 0.26
C GLY A 172 -42.66 -7.30 1.09
N ALA A 173 -43.81 -7.23 0.39
CA ALA A 173 -45.09 -7.13 1.06
C ALA A 173 -45.35 -8.31 2.00
N PHE A 174 -44.86 -9.50 1.67
CA PHE A 174 -45.12 -10.69 2.47
C PHE A 174 -44.60 -10.56 3.89
N GLY A 175 -43.57 -9.73 4.11
CA GLY A 175 -42.97 -9.60 5.42
C GLY A 175 -43.12 -8.22 6.02
N PHE A 176 -43.59 -7.24 5.25
CA PHE A 176 -43.59 -5.88 5.76
C PHE A 176 -44.79 -5.03 5.40
N LEU A 177 -45.86 -5.62 4.87
CA LEU A 177 -47.12 -4.90 4.77
C LEU A 177 -47.59 -4.49 6.16
N ALA A 178 -47.93 -3.23 6.34
CA ALA A 178 -48.21 -2.68 7.66
C ALA A 178 -49.52 -1.90 7.65
N LEU A 179 -50.55 -2.51 8.23
CA LEU A 179 -51.83 -1.86 8.49
C LEU A 179 -51.96 -1.76 10.01
N HIS A 180 -51.35 -0.72 10.58
CA HIS A 180 -51.25 -0.62 12.04
C HIS A 180 -52.64 -0.56 12.68
N GLY A 181 -52.82 -1.35 13.72
CA GLY A 181 -54.11 -1.50 14.34
C GLY A 181 -54.66 -2.89 14.07
N SER A 182 -54.51 -3.35 12.84
CA SER A 182 -54.82 -4.73 12.53
C SER A 182 -53.81 -5.64 13.22
N GLN A 183 -54.31 -6.71 13.84
CA GLN A 183 -53.47 -7.80 14.32
C GLN A 183 -53.21 -8.81 13.22
N GLU A 184 -53.75 -8.55 12.05
CA GLU A 184 -53.78 -9.53 10.98
C GLU A 184 -52.69 -9.25 9.97
N ALA A 185 -52.44 -7.96 9.73
CA ALA A 185 -51.32 -7.48 8.94
C ALA A 185 -50.68 -6.32 9.72
N PRO A 186 -49.95 -6.62 10.80
CA PRO A 186 -49.51 -5.53 11.69
C PRO A 186 -48.23 -4.84 11.26
N GLY A 187 -47.45 -5.44 10.38
CA GLY A 187 -46.16 -4.90 10.00
C GLY A 187 -45.04 -5.47 10.84
N ASN A 188 -43.83 -5.40 10.28
CA ASN A 188 -42.61 -5.87 10.92
C ASN A 188 -42.59 -7.37 11.16
N VAL A 189 -43.41 -8.14 10.45
CA VAL A 189 -43.41 -9.58 10.73
C VAL A 189 -42.14 -10.23 10.21
N GLY A 190 -41.53 -9.65 9.17
CA GLY A 190 -40.23 -10.15 8.72
C GLY A 190 -39.14 -9.96 9.76
N LEU A 191 -39.22 -8.87 10.54
CA LEU A 191 -38.30 -8.70 11.66
C LEU A 191 -38.61 -9.71 12.77
N LEU A 192 -39.89 -10.00 13.00
CA LEU A 192 -40.25 -11.07 13.91
C LEU A 192 -39.81 -12.43 13.39
N ASP A 193 -39.75 -12.61 12.07
CA ASP A 193 -39.17 -13.84 11.51
C ASP A 193 -37.74 -14.04 12.00
N GLN A 194 -36.91 -12.98 11.91
CA GLN A 194 -35.53 -13.08 12.35
C GLN A 194 -35.45 -13.27 13.86
N ARG A 195 -36.26 -12.52 14.62
CA ARG A 195 -36.31 -12.68 16.07
C ARG A 195 -36.55 -14.14 16.45
N MET A 196 -37.49 -14.79 15.76
CA MET A 196 -37.84 -16.16 16.13
C MET A 196 -36.75 -17.16 15.75
N ALA A 197 -36.04 -16.90 14.64
CA ALA A 197 -34.86 -17.70 14.35
C ALA A 197 -33.84 -17.56 15.47
N LEU A 198 -33.61 -16.32 15.93
CA LEU A 198 -32.65 -16.11 17.03
C LEU A 198 -33.13 -16.74 18.33
N GLN A 199 -34.44 -16.76 18.57
CA GLN A 199 -34.97 -17.53 19.69
C GLN A 199 -34.65 -19.02 19.53
N TRP A 200 -34.80 -19.55 18.31
CA TRP A 200 -34.46 -20.95 18.07
C TRP A 200 -33.01 -21.21 18.39
N VAL A 201 -32.10 -20.37 17.86
CA VAL A 201 -30.69 -20.48 18.19
C VAL A 201 -30.50 -20.47 19.71
N HIS A 202 -31.18 -19.54 20.40
CA HIS A 202 -31.08 -19.47 21.86
C HIS A 202 -31.51 -20.77 22.52
N ASP A 203 -32.45 -21.50 21.92
CA ASP A 203 -33.00 -22.70 22.51
C ASP A 203 -32.34 -23.98 22.03
N ASN A 204 -31.59 -23.94 20.94
CA ASN A 204 -31.12 -25.17 20.32
C ASN A 204 -29.67 -25.17 19.90
N ILE A 205 -28.97 -24.03 19.94
CA ILE A 205 -27.64 -24.02 19.38
C ILE A 205 -26.68 -24.84 20.22
N GLN A 206 -26.97 -25.02 21.52
CA GLN A 206 -26.10 -25.84 22.35
C GLN A 206 -25.95 -27.25 21.80
N PHE A 207 -27.02 -27.81 21.21
CA PHE A 207 -26.99 -29.18 20.69
C PHE A 207 -26.11 -29.31 19.45
N PHE A 208 -25.62 -28.19 18.91
CA PHE A 208 -24.75 -28.22 17.76
C PHE A 208 -23.32 -27.80 18.11
N GLY A 209 -23.03 -27.58 19.38
CA GLY A 209 -21.72 -27.13 19.79
C GLY A 209 -21.61 -25.64 20.00
N GLY A 210 -22.69 -24.91 19.79
CA GLY A 210 -22.69 -23.48 19.94
C GLY A 210 -23.04 -23.04 21.35
N ASP A 211 -22.43 -21.93 21.77
CA ASP A 211 -22.67 -21.36 23.08
C ASP A 211 -23.68 -20.23 22.94
N PRO A 212 -24.91 -20.40 23.40
CA PRO A 212 -25.92 -19.34 23.20
C PRO A 212 -25.64 -18.05 23.95
N LYS A 213 -24.66 -18.02 24.85
CA LYS A 213 -24.30 -16.80 25.55
C LYS A 213 -23.29 -15.96 24.79
N THR A 214 -22.85 -16.44 23.61
CA THR A 214 -21.89 -15.74 22.77
C THR A 214 -22.38 -15.86 21.31
N VAL A 215 -23.46 -15.16 21.00
CA VAL A 215 -24.06 -15.15 19.67
C VAL A 215 -23.88 -13.77 19.04
N THR A 216 -23.26 -13.73 17.87
CA THR A 216 -23.09 -12.50 17.11
C THR A 216 -24.02 -12.52 15.91
N ILE A 217 -24.90 -11.54 15.82
CA ILE A 217 -25.72 -11.37 14.63
C ILE A 217 -25.00 -10.40 13.70
N PHE A 218 -25.02 -10.72 12.41
CA PHE A 218 -24.40 -9.81 11.46
C PHE A 218 -25.10 -9.89 10.13
N GLY A 219 -25.06 -8.79 9.40
CA GLY A 219 -25.78 -8.69 8.14
C GLY A 219 -25.29 -7.51 7.34
N GLU A 220 -25.63 -7.53 6.06
CA GLU A 220 -25.23 -6.50 5.13
C GLU A 220 -26.49 -5.83 4.59
N SER A 221 -26.37 -4.52 4.34
CA SER A 221 -27.46 -3.72 3.77
C SER A 221 -28.68 -3.86 4.66
N ALA A 222 -29.85 -4.32 4.16
CA ALA A 222 -31.02 -4.45 5.01
C ALA A 222 -30.76 -5.40 6.16
N GLY A 223 -29.86 -6.37 5.96
CA GLY A 223 -29.45 -7.21 7.08
C GLY A 223 -28.73 -6.40 8.15
N GLY A 224 -27.86 -5.47 7.71
CA GLY A 224 -27.17 -4.61 8.67
C GLY A 224 -28.11 -3.71 9.43
N ALA A 225 -29.09 -3.12 8.75
CA ALA A 225 -30.07 -2.33 9.46
C ALA A 225 -30.91 -3.19 10.40
N SER A 226 -31.30 -4.39 9.93
CA SER A 226 -31.99 -5.33 10.81
C SER A 226 -31.20 -5.56 12.09
N VAL A 227 -29.91 -5.86 11.95
CA VAL A 227 -29.05 -6.05 13.11
C VAL A 227 -29.17 -4.86 14.05
N GLY A 228 -29.08 -3.65 13.50
CA GLY A 228 -29.24 -2.47 14.33
C GLY A 228 -30.63 -2.34 14.91
N MET A 229 -31.64 -2.90 14.24
CA MET A 229 -33.00 -2.78 14.76
C MET A 229 -33.22 -3.72 15.92
N HIS A 230 -32.48 -4.83 16.00
CA HIS A 230 -32.53 -5.73 17.13
C HIS A 230 -31.76 -5.18 18.33
N ILE A 231 -30.75 -4.37 18.05
CA ILE A 231 -30.08 -3.59 19.08
C ILE A 231 -31.06 -2.65 19.75
N LEU A 232 -32.00 -2.10 18.98
CA LEU A 232 -32.95 -1.13 19.49
C LEU A 232 -34.18 -1.78 20.14
N SER A 233 -34.75 -2.79 19.51
CA SER A 233 -36.00 -3.38 19.99
C SER A 233 -35.80 -4.11 21.31
N PRO A 234 -36.53 -3.75 22.37
CA PRO A 234 -36.37 -4.47 23.64
C PRO A 234 -36.65 -5.96 23.53
N GLY A 235 -37.66 -6.35 22.75
CA GLY A 235 -37.99 -7.75 22.59
C GLY A 235 -36.93 -8.55 21.86
N SER A 236 -35.85 -7.91 21.42
CA SER A 236 -34.79 -8.62 20.71
C SER A 236 -33.47 -8.64 21.44
N ARG A 237 -33.24 -7.71 22.36
CA ARG A 237 -31.89 -7.48 22.88
C ARG A 237 -31.30 -8.73 23.52
N ASP A 238 -32.12 -9.49 24.24
CA ASP A 238 -31.59 -10.61 25.01
C ASP A 238 -31.36 -11.86 24.19
N LEU A 239 -31.48 -11.78 22.86
CA LEU A 239 -31.35 -12.93 21.99
C LEU A 239 -30.02 -12.96 21.24
N PHE A 240 -29.04 -12.18 21.67
CA PHE A 240 -27.72 -12.17 21.05
C PHE A 240 -26.78 -11.37 21.95
N ARG A 241 -25.48 -11.55 21.72
CA ARG A 241 -24.43 -10.97 22.55
C ARG A 241 -23.85 -9.68 21.99
N ARG A 242 -23.53 -9.63 20.68
CA ARG A 242 -22.92 -8.46 20.06
C ARG A 242 -23.26 -8.47 18.57
N ALA A 243 -22.89 -7.39 17.88
CA ALA A 243 -23.45 -7.09 16.55
C ALA A 243 -22.42 -6.56 15.55
N ILE A 244 -22.55 -7.00 14.29
CA ILE A 244 -21.75 -6.51 13.17
C ILE A 244 -22.70 -5.95 12.11
N LEU A 245 -22.46 -4.71 11.68
CA LEU A 245 -23.31 -4.02 10.71
C LEU A 245 -22.50 -3.64 9.48
N GLN A 246 -22.90 -4.13 8.31
CA GLN A 246 -22.16 -3.91 7.07
C GLN A 246 -23.05 -3.15 6.08
N SER A 247 -22.67 -1.92 5.74
CA SER A 247 -23.36 -1.12 4.72
C SER A 247 -24.85 -0.97 5.04
N GLY A 248 -25.15 -0.72 6.30
CA GLY A 248 -26.53 -0.56 6.70
C GLY A 248 -26.63 -0.28 8.18
N SER A 249 -27.68 0.42 8.59
CA SER A 249 -27.90 0.78 9.98
C SER A 249 -29.36 1.18 10.14
N PRO A 250 -29.92 1.07 11.34
CA PRO A 250 -31.39 1.17 11.46
C PRO A 250 -31.94 2.52 11.06
N ASN A 251 -31.15 3.59 11.18
CA ASN A 251 -31.61 4.93 10.91
C ASN A 251 -31.54 5.31 9.44
N CYS A 252 -31.25 4.36 8.54
CA CYS A 252 -31.09 4.69 7.13
C CYS A 252 -32.40 5.27 6.58
N PRO A 253 -32.33 6.18 5.61
CA PRO A 253 -33.57 6.78 5.09
C PRO A 253 -34.47 5.77 4.38
N TRP A 254 -33.90 4.71 3.81
CA TRP A 254 -34.65 3.67 3.13
C TRP A 254 -35.08 2.55 4.05
N ALA A 255 -34.82 2.65 5.35
CA ALA A 255 -34.92 1.49 6.23
C ALA A 255 -36.23 1.42 7.01
N SER A 256 -37.02 2.49 7.05
CA SER A 256 -38.26 2.46 7.83
C SER A 256 -39.21 3.51 7.29
N VAL A 257 -40.46 3.42 7.76
CA VAL A 257 -41.52 4.34 7.37
C VAL A 257 -42.45 4.55 8.57
N SER A 258 -43.21 5.64 8.52
CA SER A 258 -44.26 5.84 9.50
C SER A 258 -45.41 4.87 9.26
N VAL A 259 -46.24 4.69 10.30
CA VAL A 259 -47.45 3.89 10.13
C VAL A 259 -48.35 4.50 9.08
N ALA A 260 -48.41 5.84 9.03
CA ALA A 260 -49.22 6.52 8.03
C ALA A 260 -48.75 6.19 6.61
N GLU A 261 -47.45 6.33 6.36
CA GLU A 261 -46.94 5.97 5.04
C GLU A 261 -47.09 4.47 4.78
N GLY A 262 -46.77 3.64 5.77
CA GLY A 262 -46.93 2.20 5.59
C GLY A 262 -48.38 1.81 5.35
N ARG A 263 -49.32 2.47 6.03
CA ARG A 263 -50.73 2.26 5.73
C ARG A 263 -51.04 2.69 4.32
N ARG A 264 -50.68 3.93 3.96
CA ARG A 264 -50.94 4.45 2.63
C ARG A 264 -50.42 3.50 1.55
N ARG A 265 -49.26 2.89 1.80
CA ARG A 265 -48.68 2.01 0.80
C ARG A 265 -49.44 0.69 0.72
N ALA A 266 -49.91 0.18 1.85
CA ALA A 266 -50.69 -1.05 1.80
C ALA A 266 -52.03 -0.81 1.12
N VAL A 267 -52.71 0.28 1.48
CA VAL A 267 -53.97 0.63 0.83
C VAL A 267 -53.76 0.79 -0.67
N GLU A 268 -52.65 1.44 -1.05
CA GLU A 268 -52.34 1.61 -2.46
C GLU A 268 -52.01 0.28 -3.12
N LEU A 269 -51.42 -0.67 -2.38
CA LEU A 269 -51.19 -1.99 -2.93
C LEU A 269 -52.49 -2.66 -3.33
N GLY A 270 -53.53 -2.50 -2.50
CA GLY A 270 -54.82 -3.06 -2.85
C GLY A 270 -55.43 -2.39 -4.06
N ARG A 271 -55.40 -1.05 -4.09
CA ARG A 271 -55.98 -0.33 -5.21
C ARG A 271 -55.39 -0.80 -6.54
N ASN A 272 -54.11 -1.18 -6.55
CA ASN A 272 -53.49 -1.72 -7.76
C ASN A 272 -54.01 -3.10 -8.14
N LEU A 273 -54.71 -3.79 -7.26
CA LEU A 273 -55.18 -5.15 -7.53
C LEU A 273 -56.70 -5.24 -7.50
N ASN A 274 -57.39 -4.09 -7.60
CA ASN A 274 -58.84 -4.03 -7.58
C ASN A 274 -59.40 -4.58 -6.27
N CYS A 275 -58.66 -4.39 -5.19
CA CYS A 275 -59.11 -4.87 -3.89
C CYS A 275 -60.15 -3.92 -3.30
N ASN A 276 -61.03 -4.49 -2.48
CA ASN A 276 -61.91 -3.66 -1.68
C ASN A 276 -61.08 -2.90 -0.65
N LEU A 277 -61.32 -1.60 -0.53
CA LEU A 277 -60.46 -0.73 0.25
C LEU A 277 -61.16 -0.12 1.46
N ASN A 278 -62.29 -0.69 1.89
CA ASN A 278 -63.05 -0.06 2.97
C ASN A 278 -62.57 -0.46 4.36
N SER A 279 -62.15 -1.71 4.54
CA SER A 279 -61.65 -2.17 5.83
C SER A 279 -60.35 -2.91 5.64
N ASP A 280 -59.47 -2.79 6.63
CA ASP A 280 -58.29 -3.64 6.67
C ASP A 280 -58.68 -5.10 6.52
N GLU A 281 -59.76 -5.52 7.20
CA GLU A 281 -60.23 -6.89 7.08
C GLU A 281 -60.51 -7.26 5.62
N GLU A 282 -61.10 -6.32 4.87
CA GLU A 282 -61.41 -6.61 3.47
C GLU A 282 -60.15 -6.54 2.63
N LEU A 283 -59.33 -5.51 2.84
CA LEU A 283 -58.08 -5.35 2.11
C LEU A 283 -57.16 -6.54 2.35
N ILE A 284 -57.01 -6.94 3.62
CA ILE A 284 -56.17 -8.10 3.95
C ILE A 284 -56.73 -9.35 3.31
N HIS A 285 -58.07 -9.53 3.37
CA HIS A 285 -58.68 -10.71 2.76
C HIS A 285 -58.44 -10.75 1.26
N CYS A 286 -58.57 -9.61 0.59
CA CYS A 286 -58.31 -9.56 -0.84
C CYS A 286 -56.87 -9.95 -1.16
N LEU A 287 -55.91 -9.32 -0.46
CA LEU A 287 -54.50 -9.56 -0.74
C LEU A 287 -54.08 -10.98 -0.39
N ARG A 288 -54.80 -11.63 0.53
CA ARG A 288 -54.54 -13.05 0.81
C ARG A 288 -55.03 -13.95 -0.30
N GLU A 289 -55.94 -13.47 -1.15
CA GLU A 289 -56.41 -14.26 -2.29
C GLU A 289 -55.46 -14.21 -3.47
N LYS A 290 -54.49 -13.31 -3.48
CA LYS A 290 -53.63 -13.11 -4.63
C LYS A 290 -52.48 -14.11 -4.64
N LYS A 291 -52.10 -14.56 -5.84
CA LYS A 291 -50.89 -15.34 -6.00
CA LYS A 291 -50.89 -15.35 -5.98
C LYS A 291 -49.69 -14.48 -5.63
N PRO A 292 -48.61 -15.09 -5.11
CA PRO A 292 -47.44 -14.26 -4.69
C PRO A 292 -46.96 -13.29 -5.77
N GLN A 293 -46.79 -13.78 -6.99
CA GLN A 293 -46.26 -12.95 -8.07
C GLN A 293 -47.19 -11.81 -8.43
N GLU A 294 -48.48 -11.91 -8.09
CA GLU A 294 -49.39 -10.79 -8.32
C GLU A 294 -49.02 -9.60 -7.44
N LEU A 295 -48.65 -9.87 -6.18
CA LEU A 295 -48.20 -8.79 -5.32
C LEU A 295 -46.85 -8.25 -5.79
N ILE A 296 -45.92 -9.16 -6.10
CA ILE A 296 -44.59 -8.76 -6.55
C ILE A 296 -44.66 -7.92 -7.81
N ASP A 297 -45.56 -8.26 -8.74
CA ASP A 297 -45.59 -7.58 -10.03
C ASP A 297 -45.94 -6.09 -9.92
N VAL A 298 -46.66 -5.70 -8.87
CA VAL A 298 -47.04 -4.29 -8.68
C VAL A 298 -46.33 -3.68 -7.47
N GLU A 299 -45.32 -4.37 -6.94
CA GLU A 299 -44.74 -3.99 -5.66
C GLU A 299 -44.15 -2.57 -5.69
N TRP A 300 -43.58 -2.16 -6.82
CA TRP A 300 -42.90 -0.87 -6.93
C TRP A 300 -43.83 0.29 -7.29
N ASN A 301 -45.04 0.02 -7.80
CA ASN A 301 -46.01 1.07 -8.13
C ASN A 301 -46.45 1.88 -6.91
N VAL A 302 -46.04 1.46 -5.71
CA VAL A 302 -46.55 1.99 -4.45
C VAL A 302 -45.63 3.05 -3.85
N LEU A 303 -44.39 3.15 -4.33
CA LEU A 303 -43.48 4.19 -3.87
C LEU A 303 -44.07 5.58 -4.14
N PRO A 304 -43.84 6.55 -3.25
CA PRO A 304 -44.35 7.91 -3.53
C PRO A 304 -43.71 8.58 -4.74
N PHE A 305 -42.40 8.50 -4.88
CA PHE A 305 -41.68 9.26 -5.90
C PHE A 305 -40.93 8.34 -6.85
N ASP A 306 -40.54 8.90 -8.00
CA ASP A 306 -39.47 8.32 -8.80
C ASP A 306 -38.18 8.38 -7.98
N SER A 307 -37.63 7.23 -7.61
CA SER A 307 -36.44 7.26 -6.77
C SER A 307 -35.54 6.07 -7.07
N ILE A 308 -34.29 6.20 -6.66
CA ILE A 308 -33.39 5.06 -6.50
C ILE A 308 -33.15 4.90 -4.99
N PHE A 309 -32.61 3.75 -4.61
CA PHE A 309 -32.39 3.37 -3.21
C PHE A 309 -33.60 3.69 -2.34
N ARG A 310 -34.78 3.27 -2.81
CA ARG A 310 -36.03 3.39 -2.09
C ARG A 310 -36.88 2.15 -2.36
N PHE A 311 -37.50 1.61 -1.31
CA PHE A 311 -38.21 0.34 -1.40
C PHE A 311 -39.58 0.44 -0.74
N SER A 312 -40.52 -0.36 -1.24
CA SER A 312 -41.94 -0.15 -0.91
C SER A 312 -42.28 -0.64 0.49
N PHE A 313 -41.87 -1.87 0.85
CA PHE A 313 -42.33 -2.49 2.09
C PHE A 313 -41.14 -2.78 2.99
N VAL A 314 -41.06 -2.01 4.08
CA VAL A 314 -39.91 -1.95 4.98
C VAL A 314 -40.45 -1.90 6.40
N PRO A 315 -39.61 -2.08 7.44
CA PRO A 315 -40.07 -1.91 8.82
C PRO A 315 -40.84 -0.62 9.09
N VAL A 316 -41.69 -0.64 10.13
CA VAL A 316 -42.52 0.51 10.50
C VAL A 316 -42.22 0.92 11.94
N ILE A 317 -42.25 2.22 12.19
CA ILE A 317 -42.12 2.76 13.55
C ILE A 317 -43.50 2.67 14.19
N ASP A 318 -43.72 1.62 14.98
CA ASP A 318 -45.06 1.19 15.38
C ASP A 318 -45.33 1.34 16.86
N GLY A 319 -44.41 1.91 17.64
CA GLY A 319 -44.63 1.95 19.07
C GLY A 319 -44.65 0.60 19.75
N GLU A 320 -44.21 -0.46 19.08
CA GLU A 320 -44.24 -1.81 19.61
C GLU A 320 -42.87 -2.48 19.51
N PHE A 321 -42.51 -2.93 18.31
CA PHE A 321 -41.15 -3.35 18.04
C PHE A 321 -40.16 -2.21 18.32
N PHE A 322 -40.50 -1.00 17.89
CA PHE A 322 -39.76 0.20 18.27
C PHE A 322 -40.63 1.02 19.21
N PRO A 323 -40.29 1.09 20.51
CA PRO A 323 -41.12 1.89 21.43
C PRO A 323 -41.33 3.34 21.03
N THR A 324 -40.27 4.06 20.66
CA THR A 324 -40.45 5.41 20.12
C THR A 324 -39.66 5.58 18.83
N SER A 325 -39.57 6.81 18.35
CA SER A 325 -38.80 7.11 17.14
C SER A 325 -37.37 6.62 17.28
N LEU A 326 -36.77 6.21 16.16
CA LEU A 326 -35.40 5.72 16.22
C LEU A 326 -34.46 6.76 16.81
N GLU A 327 -34.73 8.05 16.55
CA GLU A 327 -33.81 9.08 17.01
C GLU A 327 -33.93 9.32 18.52
N SER A 328 -35.14 9.28 19.06
CA SER A 328 -35.29 9.47 20.50
C SER A 328 -34.65 8.32 21.28
N MET A 329 -34.83 7.07 20.81
CA MET A 329 -34.17 5.94 21.44
C MET A 329 -32.66 6.07 21.38
N LEU A 330 -32.14 6.58 20.26
CA LEU A 330 -30.70 6.81 20.16
C LEU A 330 -30.23 7.89 21.12
N ASN A 331 -31.02 8.96 21.25
CA ASN A 331 -30.65 10.03 22.17
C ASN A 331 -30.67 9.54 23.62
N SER A 332 -31.68 8.75 23.99
CA SER A 332 -31.85 8.39 25.39
C SER A 332 -30.98 7.22 25.83
N GLY A 333 -30.23 6.61 24.93
CA GLY A 333 -29.57 5.36 25.27
C GLY A 333 -30.49 4.16 25.38
N ASN A 334 -31.72 4.27 24.89
CA ASN A 334 -32.69 3.17 24.95
C ASN A 334 -32.36 2.14 23.87
N PHE A 335 -31.41 1.27 24.20
CA PHE A 335 -30.95 0.22 23.29
C PHE A 335 -29.97 -0.65 24.05
N LYS A 336 -29.62 -1.77 23.42
CA LYS A 336 -28.73 -2.75 24.01
C LYS A 336 -27.31 -2.19 24.10
N LYS A 337 -26.74 -2.20 25.31
CA LYS A 337 -25.37 -1.75 25.52
C LYS A 337 -24.42 -2.93 25.36
N THR A 338 -23.65 -2.96 24.26
CA THR A 338 -22.66 -4.01 24.05
C THR A 338 -21.52 -3.52 23.15
N GLN A 339 -20.89 -4.41 22.38
CA GLN A 339 -19.88 -4.03 21.41
C GLN A 339 -20.42 -4.17 19.99
N ILE A 340 -19.98 -3.28 19.10
CA ILE A 340 -20.38 -3.30 17.70
C ILE A 340 -19.16 -3.10 16.82
N LEU A 341 -19.15 -3.79 15.68
CA LEU A 341 -18.13 -3.67 14.66
C LEU A 341 -18.87 -3.43 13.35
N LEU A 342 -18.56 -2.34 12.67
CA LEU A 342 -19.41 -1.93 11.55
C LEU A 342 -18.59 -1.10 10.57
N GLY A 343 -19.18 -0.85 9.41
CA GLY A 343 -18.45 -0.14 8.36
C GLY A 343 -19.25 -0.05 7.08
N VAL A 344 -18.57 0.42 6.04
CA VAL A 344 -19.18 0.77 4.75
C VAL A 344 -18.17 0.50 3.64
N ASN A 345 -18.62 0.59 2.40
CA ASN A 345 -17.79 0.40 1.23
C ASN A 345 -17.53 1.76 0.55
N LYS A 346 -16.48 1.80 -0.28
CA LYS A 346 -16.03 3.09 -0.81
C LYS A 346 -17.04 3.69 -1.77
N ASP A 347 -17.73 2.85 -2.58
CA ASP A 347 -18.65 3.35 -3.60
C ASP A 347 -19.99 2.61 -3.49
N GLU A 348 -20.64 2.77 -2.34
CA GLU A 348 -21.93 2.13 -2.10
C GLU A 348 -22.99 2.50 -3.14
N GLY A 349 -22.88 3.65 -3.79
CA GLY A 349 -23.96 4.12 -4.62
C GLY A 349 -23.96 3.67 -6.06
N SER A 350 -22.87 3.08 -6.54
CA SER A 350 -22.74 2.82 -7.97
C SER A 350 -23.76 1.80 -8.43
N PHE A 351 -24.01 0.77 -7.63
CA PHE A 351 -24.98 -0.25 -8.03
C PHE A 351 -26.34 0.37 -8.32
N PHE A 352 -26.75 1.37 -7.56
CA PHE A 352 -28.07 1.94 -7.73
C PHE A 352 -28.14 2.90 -8.91
N LEU A 353 -27.07 3.62 -9.22
CA LEU A 353 -27.11 4.50 -10.37
C LEU A 353 -27.17 3.70 -11.66
N LEU A 354 -26.45 2.56 -11.70
CA LEU A 354 -26.50 1.69 -12.87
C LEU A 354 -27.92 1.30 -13.21
N TYR A 355 -28.74 0.98 -12.20
CA TYR A 355 -30.06 0.40 -12.40
C TYR A 355 -31.17 1.42 -12.54
N GLY A 356 -30.97 2.65 -12.09
CA GLY A 356 -32.10 3.55 -12.01
C GLY A 356 -31.85 4.97 -12.44
N ALA A 357 -30.60 5.30 -12.82
CA ALA A 357 -30.26 6.69 -13.13
C ALA A 357 -29.90 6.85 -14.61
N PRO A 358 -30.30 7.94 -15.23
CA PRO A 358 -29.96 8.15 -16.65
C PRO A 358 -28.47 8.39 -16.84
N GLY A 359 -27.92 7.78 -17.90
CA GLY A 359 -26.53 7.98 -18.29
C GLY A 359 -25.58 6.89 -17.85
N PHE A 360 -26.01 5.97 -16.99
CA PHE A 360 -25.13 4.93 -16.47
C PHE A 360 -25.29 3.65 -17.29
N SER A 361 -24.19 2.94 -17.48
CA SER A 361 -24.20 1.74 -18.30
CA SER A 361 -24.20 1.74 -18.30
C SER A 361 -23.16 0.76 -17.79
N LYS A 362 -23.46 -0.53 -17.94
CA LYS A 362 -22.54 -1.59 -17.57
C LYS A 362 -21.36 -1.67 -18.52
N ASP A 363 -21.52 -1.16 -19.74
CA ASP A 363 -20.58 -1.38 -20.84
C ASP A 363 -19.84 -0.12 -21.25
N SER A 364 -19.99 0.99 -20.51
CA SER A 364 -19.23 2.20 -20.80
C SER A 364 -18.72 2.80 -19.50
N GLU A 365 -17.93 3.87 -19.65
CA GLU A 365 -17.40 4.59 -18.50
C GLU A 365 -18.43 5.48 -17.84
N SER A 366 -19.61 5.66 -18.45
CA SER A 366 -20.74 6.33 -17.81
C SER A 366 -20.39 7.74 -17.36
N LYS A 367 -19.68 8.48 -18.21
CA LYS A 367 -19.52 9.91 -17.97
C LYS A 367 -20.88 10.58 -18.06
N ILE A 368 -21.18 11.44 -17.09
CA ILE A 368 -22.53 11.91 -16.85
C ILE A 368 -22.60 13.39 -17.19
N SER A 369 -23.58 13.75 -18.00
CA SER A 369 -23.73 15.14 -18.42
C SER A 369 -24.39 15.95 -17.31
N ARG A 370 -24.43 17.26 -17.53
CA ARG A 370 -25.07 18.14 -16.55
C ARG A 370 -26.55 17.83 -16.42
N GLU A 371 -27.23 17.72 -17.57
CA GLU A 371 -28.64 17.37 -17.58
C GLU A 371 -28.89 16.08 -16.79
N ASP A 372 -28.08 15.05 -17.08
CA ASP A 372 -28.23 13.78 -16.37
C ASP A 372 -27.93 13.94 -14.88
N PHE A 373 -26.85 14.66 -14.55
CA PHE A 373 -26.49 14.84 -13.15
C PHE A 373 -27.67 15.38 -12.35
N MET A 374 -28.32 16.43 -12.85
CA MET A 374 -29.45 17.01 -12.15
C MET A 374 -30.57 15.99 -11.94
N SER A 375 -30.92 15.25 -13.00
CA SER A 375 -31.89 14.16 -12.86
C SER A 375 -31.43 13.15 -11.82
N GLY A 376 -30.13 12.85 -11.80
CA GLY A 376 -29.58 11.96 -10.79
C GLY A 376 -29.85 12.41 -9.36
N VAL A 377 -29.55 13.68 -9.05
CA VAL A 377 -29.71 14.07 -7.64
C VAL A 377 -31.19 14.15 -7.29
N LYS A 378 -32.04 14.51 -8.27
CA LYS A 378 -33.48 14.47 -8.06
C LYS A 378 -33.93 13.06 -7.67
N LEU A 379 -33.48 12.06 -8.42
CA LEU A 379 -33.81 10.67 -8.13
C LEU A 379 -33.12 10.15 -6.88
N SER A 380 -32.11 10.85 -6.38
CA SER A 380 -31.37 10.35 -5.22
C SER A 380 -31.91 10.91 -3.91
N VAL A 381 -32.32 12.16 -3.89
CA VAL A 381 -32.96 12.75 -2.71
C VAL A 381 -34.42 13.04 -3.04
N PRO A 382 -35.28 12.03 -3.15
CA PRO A 382 -36.63 12.27 -3.69
C PRO A 382 -37.52 13.07 -2.77
N HIS A 383 -37.21 13.18 -1.48
CA HIS A 383 -38.04 13.95 -0.57
C HIS A 383 -37.73 15.44 -0.57
N ALA A 384 -36.57 15.85 -1.11
CA ALA A 384 -36.14 17.23 -1.01
C ALA A 384 -36.99 18.16 -1.87
N ASN A 385 -37.18 19.39 -1.37
CA ASN A 385 -37.78 20.47 -2.14
C ASN A 385 -36.73 21.11 -3.04
N ASP A 386 -37.14 22.13 -3.80
CA ASP A 386 -36.24 22.71 -4.79
C ASP A 386 -35.02 23.33 -4.12
N LEU A 387 -35.20 23.96 -2.95
CA LEU A 387 -34.05 24.50 -2.22
C LEU A 387 -33.09 23.39 -1.78
N GLY A 388 -33.63 22.28 -1.27
CA GLY A 388 -32.78 21.19 -0.85
C GLY A 388 -31.98 20.60 -2.00
N LEU A 389 -32.59 20.54 -3.19
CA LEU A 389 -31.88 20.07 -4.38
C LEU A 389 -30.72 20.99 -4.74
N ASP A 390 -30.93 22.31 -4.69
CA ASP A 390 -29.83 23.25 -4.86
C ASP A 390 -28.72 22.96 -3.87
N ALA A 391 -29.08 22.72 -2.60
CA ALA A 391 -28.09 22.44 -1.58
C ALA A 391 -27.23 21.23 -1.92
N VAL A 392 -27.87 20.11 -2.27
CA VAL A 392 -27.12 18.93 -2.66
C VAL A 392 -26.22 19.24 -3.84
N THR A 393 -26.79 19.83 -4.88
CA THR A 393 -26.03 20.13 -6.08
C THR A 393 -24.81 20.98 -5.77
N LEU A 394 -24.97 22.01 -4.94
CA LEU A 394 -23.85 22.88 -4.61
C LEU A 394 -22.75 22.14 -3.85
N GLN A 395 -23.15 21.27 -2.94
CA GLN A 395 -22.17 20.56 -2.12
C GLN A 395 -21.36 19.52 -2.91
N TYR A 396 -21.80 19.14 -4.11
CA TYR A 396 -21.13 18.09 -4.87
C TYR A 396 -20.67 18.52 -6.26
N THR A 397 -20.78 19.81 -6.61
CA THR A 397 -20.43 20.31 -7.93
C THR A 397 -19.19 21.19 -7.84
N ASP A 398 -18.18 20.86 -8.64
CA ASP A 398 -16.96 21.68 -8.77
C ASP A 398 -17.24 22.71 -9.86
N TRP A 399 -17.69 23.91 -9.46
CA TRP A 399 -18.09 24.85 -10.52
C TRP A 399 -16.88 25.45 -11.30
N MET A 400 -15.65 24.98 -11.14
CA MET A 400 -14.61 25.28 -12.13
C MET A 400 -14.62 24.29 -13.29
N ASP A 401 -15.44 23.25 -13.23
CA ASP A 401 -15.28 22.07 -14.07
C ASP A 401 -16.58 21.28 -14.05
N ASP A 402 -17.71 21.98 -14.22
CA ASP A 402 -19.04 21.40 -14.06
C ASP A 402 -19.48 20.54 -15.24
N ASN A 403 -18.84 20.64 -16.39
CA ASN A 403 -19.14 19.78 -17.53
C ASN A 403 -18.22 18.57 -17.59
N ASN A 404 -17.46 18.32 -16.53
CA ASN A 404 -16.57 17.17 -16.47
C ASN A 404 -17.40 15.92 -16.25
N GLY A 405 -17.57 15.11 -17.30
CA GLY A 405 -18.40 13.92 -17.18
C GLY A 405 -18.00 12.99 -16.05
N ILE A 406 -16.72 12.96 -15.70
CA ILE A 406 -16.25 12.01 -14.70
C ILE A 406 -16.49 12.54 -13.29
N LYS A 407 -16.17 13.81 -13.03
CA LYS A 407 -16.49 14.41 -11.75
C LYS A 407 -18.00 14.39 -11.49
N ASN A 408 -18.80 14.56 -12.54
CA ASN A 408 -20.25 14.47 -12.40
C ASN A 408 -20.70 13.05 -12.10
N ARG A 409 -20.09 12.05 -12.75
CA ARG A 409 -20.38 10.66 -12.44
C ARG A 409 -19.98 10.32 -11.00
N ASP A 410 -18.74 10.63 -10.65
CA ASP A 410 -18.26 10.35 -9.30
C ASP A 410 -18.99 11.17 -8.25
N GLY A 411 -19.42 12.38 -8.59
CA GLY A 411 -20.19 13.16 -7.63
C GLY A 411 -21.52 12.52 -7.29
N LEU A 412 -22.26 12.11 -8.32
CA LEU A 412 -23.54 11.45 -8.12
C LEU A 412 -23.40 10.17 -7.30
N ASP A 413 -22.35 9.39 -7.56
CA ASP A 413 -22.09 8.19 -6.77
C ASP A 413 -21.92 8.54 -5.29
N ASP A 414 -21.12 9.58 -5.02
CA ASP A 414 -20.93 9.98 -3.63
C ASP A 414 -22.23 10.43 -3.01
N ILE A 415 -23.02 11.21 -3.75
CA ILE A 415 -24.35 11.61 -3.27
C ILE A 415 -25.14 10.40 -2.79
N VAL A 416 -25.23 9.36 -3.62
CA VAL A 416 -26.06 8.21 -3.30
C VAL A 416 -25.52 7.49 -2.07
N GLY A 417 -24.22 7.24 -2.02
CA GLY A 417 -23.66 6.45 -0.94
C GLY A 417 -23.59 7.19 0.37
N ASP A 418 -23.30 8.48 0.31
CA ASP A 418 -23.28 9.30 1.53
C ASP A 418 -24.68 9.45 2.11
N HIS A 419 -25.65 9.81 1.28
CA HIS A 419 -27.01 10.01 1.76
C HIS A 419 -27.59 8.72 2.35
N ASN A 420 -27.37 7.59 1.70
CA ASN A 420 -28.11 6.36 1.98
C ASN A 420 -27.40 5.40 2.92
N VAL A 421 -26.08 5.42 2.98
CA VAL A 421 -25.34 4.43 3.76
C VAL A 421 -24.38 5.12 4.71
N ILE A 422 -23.36 5.80 4.15
CA ILE A 422 -22.24 6.26 4.95
C ILE A 422 -22.70 7.23 6.03
N CYS A 423 -23.40 8.29 5.66
CA CYS A 423 -23.74 9.27 6.69
C CYS A 423 -24.82 8.77 7.67
N PRO A 424 -25.83 8.01 7.23
CA PRO A 424 -26.69 7.35 8.22
C PRO A 424 -25.92 6.48 9.20
N LEU A 425 -24.99 5.67 8.71
CA LEU A 425 -24.21 4.81 9.61
C LEU A 425 -23.34 5.63 10.55
N MET A 426 -22.73 6.71 10.05
CA MET A 426 -21.88 7.54 10.90
C MET A 426 -22.69 8.21 11.99
N HIS A 427 -23.91 8.65 11.68
CA HIS A 427 -24.76 9.18 12.73
C HIS A 427 -25.07 8.10 13.77
N PHE A 428 -25.32 6.87 13.31
CA PHE A 428 -25.57 5.77 14.23
C PHE A 428 -24.37 5.50 15.12
N VAL A 429 -23.16 5.51 14.53
CA VAL A 429 -21.97 5.09 15.26
C VAL A 429 -21.60 6.13 16.32
N ASN A 430 -21.81 7.42 16.01
CA ASN A 430 -21.54 8.46 17.00
C ASN A 430 -22.57 8.42 18.13
N LYS A 431 -23.84 8.22 17.80
CA LYS A 431 -24.87 8.14 18.84
C LYS A 431 -24.66 6.92 19.72
N TYR A 432 -24.39 5.78 19.09
CA TYR A 432 -24.25 4.53 19.83
C TYR A 432 -23.02 4.57 20.74
N THR A 433 -21.89 5.07 20.24
CA THR A 433 -20.66 5.08 21.01
C THR A 433 -20.80 5.83 22.34
N LYS A 434 -21.67 6.83 22.39
CA LYS A 434 -21.88 7.58 23.62
C LYS A 434 -22.42 6.71 24.75
N PHE A 435 -23.06 5.57 24.44
CA PHE A 435 -23.63 4.69 25.45
C PHE A 435 -23.09 3.27 25.43
N GLY A 436 -22.56 2.81 24.29
CA GLY A 436 -22.19 1.41 24.13
C GLY A 436 -20.94 1.05 24.91
N ASN A 437 -20.47 -0.17 24.65
CA ASN A 437 -19.32 -0.71 25.37
C ASN A 437 -18.19 -1.09 24.40
N GLY A 438 -18.22 -0.55 23.20
CA GLY A 438 -17.12 -0.79 22.29
C GLY A 438 -17.49 -0.69 20.83
N THR A 439 -16.83 0.19 20.10
CA THR A 439 -17.13 0.43 18.70
C THR A 439 -15.88 0.22 17.86
N TYR A 440 -16.02 -0.50 16.75
CA TYR A 440 -14.95 -0.63 15.77
C TYR A 440 -15.50 -0.34 14.39
N LEU A 441 -14.85 0.59 13.68
CA LEU A 441 -15.35 1.11 12.43
C LEU A 441 -14.34 0.83 11.32
N TYR A 442 -14.84 0.35 10.17
CA TYR A 442 -13.97 0.05 9.03
C TYR A 442 -14.47 0.77 7.79
N PHE A 443 -13.57 0.86 6.81
CA PHE A 443 -13.85 1.42 5.50
C PHE A 443 -13.29 0.43 4.49
N PHE A 444 -14.17 -0.30 3.80
CA PHE A 444 -13.74 -1.33 2.85
C PHE A 444 -13.61 -0.69 1.48
N ASN A 445 -12.37 -0.57 0.99
CA ASN A 445 -12.11 0.13 -0.26
C ASN A 445 -11.20 -0.68 -1.19
N HIS A 446 -11.28 -2.01 -1.12
CA HIS A 446 -10.57 -2.84 -2.07
C HIS A 446 -11.49 -3.24 -3.22
N ARG A 447 -10.99 -3.07 -4.44
CA ARG A 447 -11.69 -3.52 -5.63
C ARG A 447 -11.15 -4.88 -6.01
N ALA A 448 -12.04 -5.87 -6.13
CA ALA A 448 -11.62 -7.24 -6.36
C ALA A 448 -10.86 -7.37 -7.67
N SER A 449 -9.77 -8.14 -7.64
CA SER A 449 -9.00 -8.36 -8.86
C SER A 449 -9.83 -9.02 -9.95
N ASN A 450 -10.96 -9.64 -9.62
CA ASN A 450 -11.77 -10.35 -10.61
C ASN A 450 -13.18 -9.79 -10.76
N LEU A 451 -13.40 -8.51 -10.44
CA LEU A 451 -14.74 -7.96 -10.58
C LEU A 451 -15.21 -8.04 -12.02
N VAL A 452 -16.50 -8.29 -12.20
CA VAL A 452 -17.09 -8.42 -13.53
C VAL A 452 -17.79 -7.14 -13.95
N TRP A 453 -17.97 -6.23 -13.07
CA TRP A 453 -18.57 -4.92 -13.26
C TRP A 453 -17.50 -3.92 -13.70
N PRO A 454 -17.91 -2.89 -14.44
CA PRO A 454 -16.94 -1.91 -14.96
C PRO A 454 -16.24 -1.12 -13.87
N GLU A 455 -15.09 -0.56 -14.24
CA GLU A 455 -14.24 0.07 -13.24
C GLU A 455 -14.86 1.32 -12.64
N TRP A 456 -15.81 1.95 -13.32
CA TRP A 456 -16.37 3.19 -12.76
C TRP A 456 -17.19 2.93 -11.52
N MET A 457 -17.69 1.69 -11.35
CA MET A 457 -18.53 1.38 -10.22
C MET A 457 -17.76 1.23 -8.91
N GLY A 458 -16.43 1.10 -8.96
CA GLY A 458 -15.64 1.18 -7.74
C GLY A 458 -15.82 -0.03 -6.84
N VAL A 459 -15.86 0.23 -5.53
CA VAL A 459 -16.04 -0.81 -4.52
C VAL A 459 -17.53 -0.88 -4.20
N ILE A 460 -18.19 -1.90 -4.76
CA ILE A 460 -19.64 -1.93 -4.92
C ILE A 460 -20.34 -2.40 -3.65
N HIS A 461 -21.53 -1.84 -3.42
CA HIS A 461 -22.50 -2.30 -2.43
C HIS A 461 -22.61 -3.82 -2.41
N GLY A 462 -22.15 -4.46 -1.33
CA GLY A 462 -22.30 -5.89 -1.17
C GLY A 462 -21.10 -6.72 -1.58
N TYR A 463 -20.07 -6.11 -2.17
CA TYR A 463 -18.95 -6.88 -2.67
C TYR A 463 -17.83 -7.02 -1.66
N GLU A 464 -18.06 -6.63 -0.41
CA GLU A 464 -17.21 -7.07 0.68
C GLU A 464 -17.67 -8.40 1.27
N ILE A 465 -18.90 -8.82 0.97
CA ILE A 465 -19.41 -10.08 1.51
C ILE A 465 -18.54 -11.26 1.08
N GLU A 466 -18.02 -11.23 -0.14
CA GLU A 466 -17.18 -12.32 -0.61
C GLU A 466 -15.92 -12.47 0.25
N PHE A 467 -15.41 -11.37 0.81
CA PHE A 467 -14.24 -11.44 1.66
C PHE A 467 -14.58 -11.82 3.09
N VAL A 468 -15.73 -11.36 3.59
CA VAL A 468 -16.18 -11.77 4.92
C VAL A 468 -16.39 -13.28 4.95
N PHE A 469 -16.81 -13.87 3.84
CA PHE A 469 -17.17 -15.26 3.79
C PHE A 469 -16.07 -16.14 3.22
N GLY A 470 -14.91 -15.57 2.89
CA GLY A 470 -13.73 -16.36 2.63
C GLY A 470 -13.64 -16.99 1.27
N LEU A 471 -14.50 -16.60 0.35
CA LEU A 471 -14.44 -17.08 -1.03
C LEU A 471 -13.06 -16.90 -1.67
N PRO A 472 -12.28 -15.86 -1.35
CA PRO A 472 -10.93 -15.77 -1.93
C PRO A 472 -9.99 -16.88 -1.49
N LEU A 473 -10.38 -17.73 -0.53
CA LEU A 473 -9.58 -18.88 -0.14
C LEU A 473 -9.70 -20.03 -1.14
N VAL A 474 -10.66 -19.96 -2.06
CA VAL A 474 -10.90 -21.00 -3.06
C VAL A 474 -10.05 -20.67 -4.28
N LYS A 475 -9.05 -21.51 -4.56
CA LYS A 475 -8.06 -21.18 -5.59
C LYS A 475 -8.68 -21.15 -6.99
N GLU A 476 -9.76 -21.90 -7.21
CA GLU A 476 -10.37 -21.91 -8.54
C GLU A 476 -11.18 -20.66 -8.82
N LEU A 477 -11.51 -19.87 -7.79
CA LEU A 477 -12.22 -18.61 -7.99
C LEU A 477 -11.31 -17.48 -8.46
N ASN A 478 -9.99 -17.70 -8.48
CA ASN A 478 -9.03 -16.82 -9.16
C ASN A 478 -8.86 -15.46 -8.48
N TYR A 479 -9.00 -15.41 -7.16
CA TYR A 479 -8.52 -14.25 -6.43
C TYR A 479 -7.00 -14.30 -6.35
N THR A 480 -6.39 -13.16 -6.03
CA THR A 480 -4.93 -13.13 -5.93
C THR A 480 -4.49 -13.64 -4.57
N ALA A 481 -3.18 -13.91 -4.45
CA ALA A 481 -2.62 -14.28 -3.17
C ALA A 481 -2.91 -13.22 -2.12
N GLU A 482 -2.76 -11.94 -2.48
CA GLU A 482 -2.98 -10.86 -1.50
C GLU A 482 -4.45 -10.81 -1.06
N GLU A 483 -5.36 -11.20 -1.94
CA GLU A 483 -6.77 -11.18 -1.57
C GLU A 483 -7.13 -12.34 -0.65
N GLU A 484 -6.52 -13.51 -0.88
CA GLU A 484 -6.69 -14.58 0.11
C GLU A 484 -6.25 -14.10 1.48
N ALA A 485 -5.12 -13.39 1.55
CA ALA A 485 -4.64 -12.87 2.83
C ALA A 485 -5.60 -11.85 3.42
N LEU A 486 -6.12 -10.94 2.59
CA LEU A 486 -7.08 -9.95 3.07
C LEU A 486 -8.34 -10.63 3.60
N SER A 487 -8.86 -11.63 2.87
CA SER A 487 -10.03 -12.37 3.34
C SER A 487 -9.76 -13.14 4.63
N ARG A 488 -8.52 -13.51 4.91
CA ARG A 488 -8.25 -14.18 6.17
C ARG A 488 -8.12 -13.18 7.31
N ARG A 489 -7.54 -12.01 7.04
CA ARG A 489 -7.52 -10.95 8.06
C ARG A 489 -8.94 -10.57 8.45
N ILE A 490 -9.84 -10.45 7.46
CA ILE A 490 -11.21 -10.01 7.72
C ILE A 490 -11.98 -11.10 8.47
N MET A 491 -11.91 -12.34 8.01
CA MET A 491 -12.61 -13.41 8.73
C MET A 491 -12.15 -13.47 10.19
N HIS A 492 -10.85 -13.25 10.43
CA HIS A 492 -10.34 -13.37 11.80
C HIS A 492 -10.76 -12.17 12.66
N TYR A 493 -10.72 -10.96 12.11
CA TYR A 493 -11.33 -9.80 12.79
C TYR A 493 -12.76 -10.10 13.24
N TRP A 494 -13.60 -10.51 12.28
CA TRP A 494 -15.02 -10.79 12.57
C TRP A 494 -15.16 -11.85 13.65
N ALA A 495 -14.44 -12.95 13.50
CA ALA A 495 -14.56 -14.05 14.46
C ALA A 495 -14.03 -13.65 15.83
N THR A 496 -12.82 -13.10 15.87
CA THR A 496 -12.25 -12.67 17.15
C THR A 496 -13.16 -11.65 17.83
N PHE A 497 -13.76 -10.74 17.05
CA PHE A 497 -14.74 -9.83 17.63
C PHE A 497 -15.95 -10.60 18.17
N ALA A 498 -16.44 -11.58 17.41
CA ALA A 498 -17.58 -12.36 17.90
C ALA A 498 -17.23 -13.14 19.15
N LYS A 499 -15.99 -13.61 19.27
CA LYS A 499 -15.59 -14.39 20.44
C LYS A 499 -15.32 -13.51 21.66
N THR A 500 -14.68 -12.36 21.48
CA THR A 500 -14.17 -11.58 22.61
C THR A 500 -14.74 -10.17 22.73
N GLY A 501 -15.43 -9.66 21.71
CA GLY A 501 -15.82 -8.27 21.68
C GLY A 501 -14.76 -7.32 21.17
N ASN A 502 -13.64 -7.84 20.65
CA ASN A 502 -12.51 -7.06 20.17
C ASN A 502 -11.97 -7.77 18.93
N PRO A 503 -11.78 -7.06 17.81
CA PRO A 503 -11.26 -7.72 16.61
C PRO A 503 -9.80 -8.10 16.71
N ASN A 504 -9.08 -7.57 17.69
CA ASN A 504 -7.66 -7.77 17.83
C ASN A 504 -7.39 -8.91 18.80
N GLU A 505 -6.43 -9.76 18.46
CA GLU A 505 -5.88 -10.65 19.47
C GLU A 505 -4.87 -9.89 20.33
N PRO A 506 -5.13 -9.71 21.62
CA PRO A 506 -4.14 -9.01 22.45
C PRO A 506 -2.83 -9.78 22.46
N HIS A 507 -1.77 -9.09 22.88
CA HIS A 507 -0.44 -9.68 23.03
C HIS A 507 0.15 -10.14 21.70
N SER A 508 -0.65 -10.13 20.63
CA SER A 508 -0.15 -10.49 19.32
C SER A 508 0.64 -9.32 18.70
N GLN A 509 1.53 -9.67 17.77
CA GLN A 509 2.45 -8.71 17.18
C GLN A 509 1.86 -8.00 15.97
N GLU A 510 0.55 -8.01 15.82
CA GLU A 510 -0.08 -7.45 14.63
C GLU A 510 -0.49 -6.01 14.83
N SER A 511 -0.67 -5.31 13.71
CA SER A 511 -1.26 -3.97 13.76
C SER A 511 -2.63 -4.06 14.40
N LYS A 512 -2.94 -3.09 15.27
CA LYS A 512 -4.14 -3.16 16.11
C LYS A 512 -5.18 -2.19 15.56
N TRP A 513 -6.36 -2.71 15.26
CA TRP A 513 -7.53 -1.93 14.91
C TRP A 513 -7.98 -1.15 16.14
N PRO A 514 -7.89 0.18 16.13
CA PRO A 514 -8.22 0.94 17.33
C PRO A 514 -9.72 1.12 17.53
N LEU A 515 -10.09 1.29 18.80
CA LEU A 515 -11.45 1.61 19.19
C LEU A 515 -11.89 2.95 18.61
N PHE A 516 -13.14 3.01 18.18
CA PHE A 516 -13.76 4.28 17.84
C PHE A 516 -14.25 4.94 19.13
N THR A 517 -13.74 6.13 19.42
CA THR A 517 -14.17 6.89 20.59
C THR A 517 -14.91 8.15 20.16
N THR A 518 -15.59 8.78 21.12
CA THR A 518 -16.34 10.00 20.80
C THR A 518 -15.40 11.13 20.38
N LYS A 519 -14.22 11.21 20.98
CA LYS A 519 -13.34 12.33 20.70
C LYS A 519 -12.41 12.09 19.53
N GLU A 520 -11.86 10.89 19.38
CA GLU A 520 -10.88 10.66 18.31
C GLU A 520 -11.47 10.04 17.05
N GLN A 521 -12.55 9.25 17.17
CA GLN A 521 -13.34 8.77 16.03
C GLN A 521 -12.49 7.99 15.03
N LYS A 522 -11.59 7.17 15.55
CA LYS A 522 -10.68 6.43 14.68
C LYS A 522 -11.39 5.30 13.95
N PHE A 523 -10.81 4.92 12.80
CA PHE A 523 -11.29 3.81 11.99
C PHE A 523 -10.16 3.42 11.06
N ILE A 524 -10.28 2.23 10.47
CA ILE A 524 -9.23 1.69 9.61
C ILE A 524 -9.80 1.46 8.21
N ASP A 525 -8.89 1.39 7.25
CA ASP A 525 -9.20 0.85 5.94
C ASP A 525 -9.12 -0.68 5.99
N LEU A 526 -9.91 -1.32 5.14
CA LEU A 526 -9.75 -2.73 4.85
C LEU A 526 -9.35 -2.86 3.39
N ASN A 527 -8.14 -3.37 3.15
CA ASN A 527 -7.64 -3.61 1.80
C ASN A 527 -6.34 -4.42 1.91
N THR A 528 -5.68 -4.62 0.78
CA THR A 528 -4.51 -5.48 0.67
C THR A 528 -3.23 -4.85 1.22
N GLU A 529 -3.27 -3.60 1.65
CA GLU A 529 -2.08 -2.90 2.13
C GLU A 529 -2.01 -2.92 3.64
N PRO A 530 -0.84 -2.65 4.21
CA PRO A 530 -0.74 -2.49 5.67
C PRO A 530 -1.77 -1.47 6.18
N MET A 531 -2.20 -1.68 7.41
CA MET A 531 -3.32 -0.92 7.96
C MET A 531 -2.97 0.55 8.11
N LYS A 532 -3.94 1.42 7.83
CA LYS A 532 -3.86 2.85 8.13
C LYS A 532 -5.00 3.23 9.05
N VAL A 533 -4.72 4.13 9.98
CA VAL A 533 -5.72 4.65 10.91
C VAL A 533 -6.09 6.06 10.47
N HIS A 534 -7.37 6.30 10.27
CA HIS A 534 -7.86 7.63 9.93
C HIS A 534 -8.81 8.08 11.02
N GLN A 535 -9.26 9.32 10.90
CA GLN A 535 -10.25 9.90 11.81
C GLN A 535 -11.35 10.59 11.02
N ARG A 536 -12.56 10.57 11.57
CA ARG A 536 -13.69 11.34 11.07
C ARG A 536 -14.01 10.98 9.62
N LEU A 537 -14.44 9.74 9.45
CA LEU A 537 -14.84 9.21 8.16
C LEU A 537 -15.94 10.08 7.53
N ARG A 538 -15.60 10.66 6.38
CA ARG A 538 -16.50 11.52 5.59
C ARG A 538 -17.21 12.56 6.46
N VAL A 539 -16.46 13.20 7.35
CA VAL A 539 -17.06 14.13 8.29
C VAL A 539 -17.69 15.32 7.57
N GLN A 540 -17.04 15.80 6.49
CA GLN A 540 -17.51 17.03 5.84
C GLN A 540 -18.88 16.82 5.21
N MET A 541 -18.98 15.84 4.31
CA MET A 541 -20.26 15.55 3.66
C MET A 541 -21.30 15.11 4.68
N CYS A 542 -20.90 14.40 5.74
CA CYS A 542 -21.92 13.90 6.67
C CYS A 542 -22.41 14.98 7.63
N VAL A 543 -21.64 16.04 7.87
CA VAL A 543 -22.21 17.20 8.55
C VAL A 543 -23.35 17.79 7.72
N PHE A 544 -23.15 17.88 6.41
CA PHE A 544 -24.21 18.33 5.51
C PHE A 544 -25.42 17.41 5.60
N TRP A 545 -25.21 16.10 5.41
CA TRP A 545 -26.34 15.17 5.32
C TRP A 545 -27.07 15.03 6.66
N ASN A 546 -26.34 15.07 7.78
CA ASN A 546 -26.94 14.78 9.07
C ASN A 546 -27.40 16.00 9.85
N GLN A 547 -26.92 17.21 9.51
CA GLN A 547 -27.30 18.37 10.31
C GLN A 547 -27.84 19.51 9.46
N PHE A 548 -27.12 19.91 8.41
CA PHE A 548 -27.59 21.05 7.64
C PHE A 548 -28.80 20.70 6.79
N LEU A 549 -28.69 19.68 5.94
CA LEU A 549 -29.80 19.40 5.03
C LEU A 549 -31.13 19.12 5.73
N PRO A 550 -31.18 18.34 6.83
CA PRO A 550 -32.48 18.17 7.51
C PRO A 550 -32.98 19.46 8.13
N LYS A 551 -32.08 20.33 8.58
CA LYS A 551 -32.51 21.61 9.11
C LYS A 551 -33.08 22.48 8.00
N LEU A 552 -32.52 22.38 6.79
CA LEU A 552 -33.07 23.13 5.67
C LEU A 552 -34.41 22.56 5.22
N LEU A 553 -34.60 21.25 5.32
CA LEU A 553 -35.86 20.66 4.90
C LEU A 553 -36.95 20.87 5.94
N ASN A 554 -36.61 20.80 7.22
CA ASN A 554 -37.58 21.09 8.27
C ASN A 554 -38.12 22.52 8.13
N ALA A 555 -37.22 23.49 7.95
CA ALA A 555 -37.63 24.87 7.75
C ALA A 555 -38.56 25.00 6.55
N THR A 556 -38.10 24.55 5.38
CA THR A 556 -38.82 24.71 4.12
C THR A 556 -39.66 23.49 3.77
N SER B 25 31.90 -26.94 3.44
CA SER B 25 32.25 -26.79 4.85
C SER B 25 32.85 -25.42 5.08
N GLU B 26 33.89 -25.11 4.30
CA GLU B 26 34.34 -23.74 4.17
C GLU B 26 33.37 -22.93 3.33
N LEU B 27 32.70 -23.58 2.38
CA LEU B 27 31.70 -22.94 1.53
C LEU B 27 30.29 -23.06 2.05
N LEU B 28 30.04 -23.93 3.03
CA LEU B 28 28.72 -24.01 3.65
C LEU B 28 28.71 -23.18 4.93
N VAL B 29 27.76 -22.26 5.02
CA VAL B 29 27.68 -21.33 6.14
C VAL B 29 26.22 -21.22 6.56
N ASN B 30 25.99 -21.27 7.87
CA ASN B 30 24.67 -21.13 8.44
C ASN B 30 24.50 -19.69 8.90
N THR B 31 23.47 -19.03 8.43
CA THR B 31 23.16 -17.67 8.84
C THR B 31 21.87 -17.67 9.62
N LYS B 32 21.63 -16.58 10.34
CA LYS B 32 20.38 -16.42 11.08
C LYS B 32 19.14 -16.55 10.22
N SER B 33 19.28 -16.48 8.89
CA SER B 33 18.14 -16.60 7.99
C SER B 33 18.09 -17.93 7.25
N GLY B 34 19.17 -18.67 7.22
CA GLY B 34 19.20 -19.95 6.55
C GLY B 34 20.61 -20.26 6.08
N LYS B 35 20.75 -21.44 5.48
CA LYS B 35 22.04 -21.91 5.00
C LYS B 35 22.35 -21.36 3.62
N VAL B 36 23.63 -21.09 3.38
CA VAL B 36 24.12 -20.54 2.12
CA VAL B 36 24.10 -20.57 2.11
C VAL B 36 25.29 -21.40 1.66
N MET B 37 25.31 -21.72 0.37
CA MET B 37 26.39 -22.48 -0.25
C MET B 37 27.16 -21.55 -1.18
N GLY B 38 28.41 -21.27 -0.83
CA GLY B 38 29.26 -20.44 -1.64
C GLY B 38 29.93 -21.24 -2.74
N THR B 39 30.95 -20.62 -3.33
CA THR B 39 31.74 -21.27 -4.38
C THR B 39 33.18 -20.84 -4.22
N ARG B 40 34.10 -21.72 -4.64
CA ARG B 40 35.52 -21.46 -4.54
CA ARG B 40 35.52 -21.47 -4.54
C ARG B 40 36.00 -20.79 -5.82
N VAL B 41 36.55 -19.58 -5.68
CA VAL B 41 36.86 -18.71 -6.80
C VAL B 41 38.36 -18.63 -7.01
N PRO B 42 38.86 -18.60 -8.24
CA PRO B 42 40.28 -18.31 -8.45
C PRO B 42 40.55 -16.81 -8.41
N VAL B 43 41.72 -16.46 -7.89
CA VAL B 43 42.17 -15.08 -7.94
C VAL B 43 43.69 -15.08 -8.09
N LEU B 44 44.17 -14.40 -9.12
CA LEU B 44 45.58 -14.42 -9.51
C LEU B 44 46.08 -15.87 -9.54
N SER B 45 46.97 -16.22 -8.62
CA SER B 45 47.53 -17.57 -8.54
C SER B 45 47.07 -18.30 -7.28
N SER B 46 45.83 -18.10 -6.88
CA SER B 46 45.31 -18.71 -5.66
C SER B 46 43.79 -18.82 -5.78
N HIS B 47 43.13 -19.05 -4.65
CA HIS B 47 41.67 -19.15 -4.60
C HIS B 47 41.18 -18.46 -3.33
N ILE B 48 39.92 -18.04 -3.34
CA ILE B 48 39.19 -17.64 -2.15
C ILE B 48 37.72 -18.05 -2.28
N SER B 49 36.96 -17.80 -1.22
CA SER B 49 35.55 -18.14 -1.16
C SER B 49 34.69 -16.97 -1.60
N ALA B 50 33.58 -17.28 -2.24
CA ALA B 50 32.67 -16.25 -2.75
C ALA B 50 31.25 -16.71 -2.54
N PHE B 51 30.44 -15.83 -1.94
CA PHE B 51 29.02 -16.08 -1.71
C PHE B 51 28.25 -15.01 -2.47
N LEU B 52 27.68 -15.38 -3.61
CA LEU B 52 27.06 -14.42 -4.52
C LEU B 52 25.55 -14.46 -4.41
N GLY B 53 24.92 -13.28 -4.46
CA GLY B 53 23.47 -13.19 -4.53
C GLY B 53 22.72 -13.65 -3.30
N ILE B 54 23.23 -13.37 -2.12
CA ILE B 54 22.54 -13.73 -0.88
C ILE B 54 21.40 -12.76 -0.65
N PRO B 55 20.17 -13.22 -0.45
CA PRO B 55 19.07 -12.30 -0.17
C PRO B 55 19.19 -11.70 1.22
N PHE B 56 18.98 -10.39 1.31
CA PHE B 56 18.90 -9.73 2.61
C PHE B 56 17.54 -9.07 2.83
N ALA B 57 16.64 -9.12 1.85
CA ALA B 57 15.36 -8.44 1.95
C ALA B 57 14.31 -9.23 1.18
N GLU B 58 13.05 -9.01 1.52
CA GLU B 58 11.95 -9.56 0.73
C GLU B 58 11.86 -8.82 -0.60
N PRO B 59 11.63 -9.52 -1.71
CA PRO B 59 11.58 -8.86 -3.03
C PRO B 59 10.57 -7.73 -3.05
N PRO B 60 11.01 -6.49 -3.22
CA PRO B 60 10.07 -5.36 -3.21
C PRO B 60 9.23 -5.27 -4.47
N VAL B 61 8.36 -6.25 -4.71
CA VAL B 61 7.63 -6.33 -5.97
C VAL B 61 6.15 -6.13 -5.70
N GLY B 62 5.40 -5.91 -6.78
CA GLY B 62 3.96 -5.76 -6.68
C GLY B 62 3.54 -4.64 -5.75
N ASN B 63 2.69 -4.99 -4.77
CA ASN B 63 2.23 -4.02 -3.79
C ASN B 63 3.33 -3.51 -2.88
N MET B 64 4.49 -4.15 -2.90
CA MET B 64 5.62 -3.71 -2.11
CA MET B 64 5.63 -3.71 -2.11
C MET B 64 6.50 -2.70 -2.85
N ARG B 65 6.13 -2.32 -4.07
CA ARG B 65 6.88 -1.32 -4.81
C ARG B 65 6.74 0.05 -4.14
N PHE B 66 7.87 0.78 -4.05
CA PHE B 66 8.03 2.07 -3.38
C PHE B 66 8.01 1.96 -1.86
N ARG B 67 7.82 0.77 -1.30
CA ARG B 67 7.65 0.64 0.14
C ARG B 67 9.01 0.43 0.82
N ARG B 68 9.03 0.70 2.12
CA ARG B 68 10.19 0.32 2.92
C ARG B 68 10.48 -1.16 2.75
N PRO B 69 11.75 -1.57 2.74
CA PRO B 69 12.04 -2.99 2.58
C PRO B 69 11.67 -3.76 3.83
N GLU B 70 11.27 -5.00 3.65
CA GLU B 70 10.99 -5.91 4.76
C GLU B 70 12.10 -6.94 4.89
N PRO B 71 12.49 -7.31 6.12
CA PRO B 71 13.54 -8.33 6.29
C PRO B 71 13.20 -9.62 5.54
N LYS B 72 14.24 -10.23 4.97
CA LYS B 72 14.06 -11.45 4.20
C LYS B 72 13.66 -12.58 5.14
N LYS B 73 12.51 -13.20 4.86
CA LYS B 73 12.00 -14.22 5.75
C LYS B 73 12.82 -15.50 5.60
N PRO B 74 13.19 -16.13 6.71
CA PRO B 74 14.12 -17.26 6.64
C PRO B 74 13.63 -18.37 5.73
N TRP B 75 14.59 -19.08 5.13
CA TRP B 75 14.30 -20.18 4.24
C TRP B 75 14.85 -21.48 4.80
N SER B 76 14.19 -22.58 4.45
CA SER B 76 14.73 -23.90 4.70
C SER B 76 15.55 -24.34 3.50
N GLY B 77 16.40 -25.33 3.71
CA GLY B 77 17.29 -25.75 2.64
C GLY B 77 18.49 -24.83 2.49
N VAL B 78 19.22 -25.04 1.40
CA VAL B 78 20.53 -24.43 1.17
C VAL B 78 20.44 -23.48 -0.02
N TRP B 79 20.63 -22.18 0.23
CA TRP B 79 20.59 -21.17 -0.82
C TRP B 79 21.80 -21.30 -1.72
N ASN B 80 21.56 -21.48 -3.02
CA ASN B 80 22.68 -21.56 -3.95
C ASN B 80 23.24 -20.16 -4.16
N ALA B 81 24.47 -19.95 -3.71
CA ALA B 81 25.05 -18.62 -3.75
C ALA B 81 26.35 -18.63 -4.53
N SER B 82 26.31 -19.17 -5.73
CA SER B 82 27.48 -19.24 -6.60
C SER B 82 27.29 -18.41 -7.86
N THR B 83 26.29 -17.54 -7.86
CA THR B 83 25.84 -16.85 -9.07
C THR B 83 25.41 -15.45 -8.71
N TYR B 84 25.92 -14.47 -9.46
CA TYR B 84 25.54 -13.08 -9.29
C TYR B 84 24.02 -12.94 -9.28
N PRO B 85 23.47 -12.00 -8.53
CA PRO B 85 22.03 -11.78 -8.52
C PRO B 85 21.58 -10.98 -9.74
N ASN B 86 20.26 -10.75 -9.79
CA ASN B 86 19.74 -9.79 -10.74
C ASN B 86 20.19 -8.38 -10.39
N ASN B 87 20.18 -7.51 -11.39
CA ASN B 87 20.40 -6.09 -11.18
C ASN B 87 19.06 -5.39 -11.05
N CYS B 88 19.08 -4.20 -10.42
CA CYS B 88 17.84 -3.46 -10.24
C CYS B 88 17.43 -2.75 -11.53
N GLN B 89 16.13 -2.54 -11.68
CA GLN B 89 15.59 -1.87 -12.86
C GLN B 89 16.16 -0.47 -12.99
N GLN B 90 16.78 -0.17 -14.14
CA GLN B 90 17.49 1.09 -14.28
C GLN B 90 17.65 1.45 -15.75
N TYR B 91 17.86 2.75 -16.01
CA TYR B 91 18.25 3.22 -17.33
C TYR B 91 19.54 2.52 -17.78
N VAL B 92 19.62 2.23 -19.08
CA VAL B 92 20.73 1.49 -19.66
C VAL B 92 21.37 2.40 -20.71
N ASP B 93 22.67 2.65 -20.56
CA ASP B 93 23.34 3.60 -21.44
C ASP B 93 23.67 2.93 -22.77
N GLU B 94 23.07 3.42 -23.85
CA GLU B 94 23.25 2.85 -25.18
CA GLU B 94 23.28 2.84 -25.16
C GLU B 94 23.92 3.83 -26.13
N GLN B 95 24.60 4.85 -25.62
CA GLN B 95 25.22 5.84 -26.49
C GLN B 95 26.25 5.22 -27.41
N PHE B 96 27.13 4.38 -26.86
CA PHE B 96 28.24 3.77 -27.59
C PHE B 96 28.13 2.26 -27.47
N PRO B 97 27.29 1.62 -28.29
CA PRO B 97 27.06 0.17 -28.12
C PRO B 97 28.28 -0.62 -28.57
N GLY B 98 28.64 -1.61 -27.74
CA GLY B 98 29.86 -2.35 -27.93
C GLY B 98 31.09 -1.72 -27.33
N PHE B 99 31.08 -0.40 -27.12
CA PHE B 99 32.23 0.28 -26.56
C PHE B 99 32.44 -0.16 -25.12
N SER B 100 33.65 -0.65 -24.81
CA SER B 100 33.87 -1.21 -23.50
C SER B 100 33.80 -0.15 -22.41
N GLY B 101 34.19 1.08 -22.73
CA GLY B 101 34.30 2.11 -21.71
C GLY B 101 32.97 2.53 -21.12
N SER B 102 31.90 2.47 -21.91
CA SER B 102 30.59 2.75 -21.35
C SER B 102 29.86 1.48 -20.92
N GLU B 103 30.03 0.39 -21.65
CA GLU B 103 29.31 -0.82 -21.29
C GLU B 103 29.89 -1.53 -20.08
N MET B 104 31.10 -1.19 -19.63
CA MET B 104 31.57 -1.75 -18.36
C MET B 104 30.72 -1.30 -17.18
N TRP B 105 29.90 -0.25 -17.34
CA TRP B 105 29.06 0.27 -16.27
C TRP B 105 27.62 -0.22 -16.35
N ASN B 106 27.20 -0.77 -17.49
CA ASN B 106 25.82 -1.20 -17.65
C ASN B 106 25.56 -2.53 -16.93
N PRO B 107 24.29 -2.78 -16.52
CA PRO B 107 23.93 -4.08 -15.94
C PRO B 107 24.47 -5.26 -16.72
N ASN B 108 25.27 -6.12 -16.09
CA ASN B 108 25.76 -7.33 -16.74
C ASN B 108 24.95 -8.57 -16.32
N ARG B 109 23.76 -8.36 -15.78
CA ARG B 109 22.85 -9.44 -15.41
CA ARG B 109 22.84 -9.42 -15.37
C ARG B 109 21.43 -9.01 -15.76
N GLU B 110 20.48 -9.93 -15.62
CA GLU B 110 19.11 -9.58 -15.90
C GLU B 110 18.62 -8.53 -14.89
N MET B 111 17.82 -7.59 -15.39
CA MET B 111 17.22 -6.56 -14.54
C MET B 111 15.89 -7.04 -14.00
N SER B 112 15.59 -6.66 -12.76
CA SER B 112 14.40 -7.11 -12.06
C SER B 112 14.21 -6.30 -10.79
N GLU B 113 12.94 -6.07 -10.42
CA GLU B 113 12.64 -5.45 -9.13
C GLU B 113 13.03 -6.35 -7.96
N ASP B 114 13.17 -7.65 -8.20
CA ASP B 114 13.70 -8.58 -7.21
C ASP B 114 15.22 -8.55 -7.30
N CYS B 115 15.80 -7.53 -6.67
CA CYS B 115 17.24 -7.28 -6.84
C CYS B 115 17.95 -6.99 -5.52
N LEU B 116 17.33 -7.23 -4.37
CA LEU B 116 17.95 -6.87 -3.10
C LEU B 116 18.78 -8.04 -2.58
N TYR B 117 19.95 -8.21 -3.16
CA TYR B 117 20.89 -9.25 -2.79
C TYR B 117 22.25 -8.61 -2.49
N LEU B 118 23.11 -9.36 -1.79
CA LEU B 118 24.46 -8.90 -1.49
C LEU B 118 25.44 -10.03 -1.80
N ASN B 119 26.71 -9.63 -2.00
CA ASN B 119 27.79 -10.54 -2.34
C ASN B 119 28.87 -10.45 -1.27
N ILE B 120 29.58 -11.56 -1.05
CA ILE B 120 30.65 -11.63 -0.05
C ILE B 120 31.81 -12.42 -0.64
N TRP B 121 33.01 -11.84 -0.59
CA TRP B 121 34.26 -12.54 -0.84
C TRP B 121 34.97 -12.74 0.49
N VAL B 122 35.39 -13.98 0.76
CA VAL B 122 36.04 -14.29 2.04
C VAL B 122 37.38 -14.97 1.77
N PRO B 123 38.47 -14.49 2.37
CA PRO B 123 39.77 -15.15 2.17
C PRO B 123 39.72 -16.62 2.56
N SER B 124 40.59 -17.39 1.92
CA SER B 124 40.72 -18.82 2.21
C SER B 124 42.14 -19.15 2.65
N PRO B 125 42.29 -19.73 3.85
CA PRO B 125 41.19 -20.20 4.70
C PRO B 125 40.49 -19.08 5.48
N ARG B 126 39.31 -19.37 5.99
CA ARG B 126 38.47 -18.35 6.62
C ARG B 126 39.15 -17.77 7.85
N PRO B 127 39.29 -16.44 7.95
CA PRO B 127 39.83 -15.84 9.18
C PRO B 127 38.84 -15.92 10.33
N LYS B 128 39.35 -15.66 11.54
CA LYS B 128 38.51 -15.70 12.74
C LYS B 128 37.62 -14.47 12.83
N SER B 129 38.22 -13.31 13.16
CA SER B 129 37.54 -12.03 13.09
C SER B 129 38.45 -11.05 12.36
N THR B 130 38.02 -10.62 11.19
CA THR B 130 38.82 -9.76 10.32
C THR B 130 37.96 -8.58 9.89
N THR B 131 38.63 -7.50 9.49
CA THR B 131 37.93 -6.27 9.14
C THR B 131 37.02 -6.48 7.95
N VAL B 132 35.88 -5.80 7.95
CA VAL B 132 34.85 -5.94 6.92
C VAL B 132 34.72 -4.61 6.17
N MET B 133 34.74 -4.67 4.84
CA MET B 133 34.51 -3.52 4.00
C MET B 133 33.25 -3.77 3.15
N VAL B 134 32.30 -2.85 3.23
CA VAL B 134 31.02 -2.94 2.53
C VAL B 134 30.99 -1.91 1.42
N TRP B 135 30.90 -2.37 0.17
CA TRP B 135 30.89 -1.50 -1.00
C TRP B 135 29.47 -1.08 -1.35
N ILE B 136 29.31 0.18 -1.71
CA ILE B 136 28.01 0.76 -2.04
C ILE B 136 28.16 1.43 -3.40
N TYR B 137 27.63 0.81 -4.45
CA TYR B 137 27.85 1.32 -5.80
C TYR B 137 27.18 2.69 -6.00
N GLY B 138 27.74 3.46 -6.92
CA GLY B 138 27.18 4.74 -7.29
C GLY B 138 26.38 4.66 -8.57
N GLY B 139 26.09 5.83 -9.14
CA GLY B 139 25.35 5.90 -10.39
C GLY B 139 24.17 6.86 -10.38
N GLY B 140 24.33 8.00 -9.71
CA GLY B 140 23.32 9.06 -9.71
C GLY B 140 22.04 8.76 -8.97
N PHE B 141 21.96 7.64 -8.24
CA PHE B 141 20.76 7.12 -7.60
C PHE B 141 19.73 6.62 -8.61
N TYR B 142 20.09 6.50 -9.88
CA TYR B 142 19.17 6.01 -10.89
C TYR B 142 19.71 4.83 -11.65
N SER B 143 20.89 4.32 -11.29
CA SER B 143 21.51 3.20 -11.97
C SER B 143 22.66 2.69 -11.11
N GLY B 144 23.27 1.61 -11.56
CA GLY B 144 24.34 1.00 -10.78
C GLY B 144 24.05 -0.44 -10.38
N SER B 145 25.07 -1.27 -10.36
CA SER B 145 24.90 -2.69 -10.08
C SER B 145 26.04 -3.15 -9.18
N SER B 146 25.75 -4.13 -8.33
CA SER B 146 26.77 -4.72 -7.48
C SER B 146 27.66 -5.72 -8.22
N THR B 147 27.30 -6.09 -9.44
CA THR B 147 27.87 -7.26 -10.08
C THR B 147 28.85 -6.93 -11.19
N LEU B 148 29.26 -5.66 -11.33
CA LEU B 148 30.13 -5.27 -12.42
C LEU B 148 31.54 -5.82 -12.20
N ASP B 149 32.30 -5.87 -13.29
CA ASP B 149 33.65 -6.43 -13.23
C ASP B 149 34.54 -5.60 -12.31
N VAL B 150 34.50 -4.28 -12.46
CA VAL B 150 35.35 -3.39 -11.66
C VAL B 150 34.99 -3.42 -10.18
N TYR B 151 33.80 -3.92 -9.82
CA TYR B 151 33.43 -4.10 -8.42
C TYR B 151 33.69 -5.51 -7.89
N ASN B 152 34.36 -6.37 -8.66
CA ASN B 152 34.58 -7.75 -8.23
C ASN B 152 35.62 -7.76 -7.12
N GLY B 153 35.22 -8.23 -5.94
CA GLY B 153 35.98 -8.05 -4.72
C GLY B 153 37.03 -9.08 -4.37
N LYS B 154 37.28 -10.07 -5.23
CA LYS B 154 38.25 -11.11 -4.89
C LYS B 154 39.63 -10.53 -4.67
N TYR B 155 40.07 -9.61 -5.54
CA TYR B 155 41.42 -9.07 -5.44
C TYR B 155 41.63 -8.35 -4.10
N LEU B 156 40.65 -7.57 -3.67
CA LEU B 156 40.78 -6.82 -2.42
C LEU B 156 40.64 -7.73 -1.20
N ALA B 157 39.70 -8.68 -1.24
CA ALA B 157 39.60 -9.66 -0.16
C ALA B 157 40.90 -10.45 -0.03
N TYR B 158 41.48 -10.86 -1.17
CA TYR B 158 42.66 -11.71 -1.15
C TYR B 158 43.90 -10.93 -0.76
N THR B 159 44.15 -9.79 -1.42
CA THR B 159 45.41 -9.09 -1.21
C THR B 159 45.50 -8.46 0.18
N GLU B 160 44.38 -8.06 0.76
CA GLU B 160 44.41 -7.34 2.04
C GLU B 160 43.77 -8.11 3.19
N GLU B 161 43.37 -9.37 2.95
CA GLU B 161 42.83 -10.23 4.01
CA GLU B 161 42.82 -10.23 4.00
C GLU B 161 41.67 -9.55 4.75
N VAL B 162 40.69 -9.09 3.97
CA VAL B 162 39.45 -8.51 4.49
C VAL B 162 38.31 -9.33 3.94
N VAL B 163 37.20 -9.32 4.67
CA VAL B 163 35.94 -9.86 4.18
C VAL B 163 35.23 -8.71 3.48
N LEU B 164 34.94 -8.87 2.19
CA LEU B 164 34.47 -7.77 1.36
C LEU B 164 33.04 -8.03 0.91
N VAL B 165 32.14 -7.08 1.19
CA VAL B 165 30.72 -7.18 0.85
C VAL B 165 30.37 -6.08 -0.12
N SER B 166 29.61 -6.43 -1.17
CA SER B 166 28.97 -5.44 -2.03
C SER B 166 27.46 -5.63 -1.90
N LEU B 167 26.76 -4.60 -1.44
CA LEU B 167 25.32 -4.65 -1.28
C LEU B 167 24.64 -4.18 -2.56
N SER B 168 23.31 -4.08 -2.53
CA SER B 168 22.54 -3.50 -3.62
C SER B 168 21.38 -2.73 -3.01
N TYR B 169 20.85 -1.78 -3.77
CA TYR B 169 19.70 -1.00 -3.33
C TYR B 169 18.89 -0.58 -4.55
N ARG B 170 17.61 -0.29 -4.32
CA ARG B 170 16.74 0.15 -5.39
C ARG B 170 17.14 1.55 -5.87
N VAL B 171 17.14 1.74 -7.20
CA VAL B 171 17.46 3.05 -7.78
C VAL B 171 16.27 3.58 -8.58
N GLY B 172 16.43 4.79 -9.11
CA GLY B 172 15.35 5.40 -9.85
C GLY B 172 14.13 5.65 -8.96
N ALA B 173 12.99 5.85 -9.63
CA ALA B 173 11.75 6.01 -8.90
C ALA B 173 11.47 4.83 -7.99
N PHE B 174 11.95 3.64 -8.35
CA PHE B 174 11.73 2.46 -7.53
C PHE B 174 12.33 2.62 -6.15
N GLY B 175 13.46 3.32 -6.06
CA GLY B 175 14.14 3.48 -4.79
C GLY B 175 13.87 4.82 -4.13
N PHE B 176 13.42 5.82 -4.88
CA PHE B 176 13.42 7.17 -4.32
C PHE B 176 12.24 8.05 -4.66
N LEU B 177 11.22 7.54 -5.36
CA LEU B 177 9.94 8.22 -5.39
C LEU B 177 9.50 8.58 -3.97
N ALA B 178 9.07 9.82 -3.78
CA ALA B 178 8.81 10.36 -2.45
C ALA B 178 7.47 11.09 -2.44
N LEU B 179 6.56 10.60 -1.61
CA LEU B 179 5.29 11.25 -1.32
C LEU B 179 5.18 11.35 0.20
N HIS B 180 5.94 12.27 0.78
CA HIS B 180 6.06 12.38 2.23
C HIS B 180 4.68 12.53 2.87
N GLY B 181 4.45 11.76 3.93
CA GLY B 181 3.13 11.64 4.51
C GLY B 181 2.55 10.28 4.24
N SER B 182 2.71 9.80 3.01
CA SER B 182 2.31 8.44 2.68
C SER B 182 3.27 7.43 3.30
N GLN B 183 2.73 6.34 3.81
CA GLN B 183 3.57 5.22 4.21
C GLN B 183 3.74 4.21 3.09
N GLU B 184 3.02 4.39 1.97
CA GLU B 184 3.18 3.49 0.83
C GLU B 184 4.35 3.88 -0.05
N ALA B 185 4.67 5.17 -0.14
CA ALA B 185 5.84 5.64 -0.87
C ALA B 185 6.43 6.81 -0.10
N PRO B 186 7.07 6.54 1.05
CA PRO B 186 7.54 7.63 1.91
C PRO B 186 8.83 8.28 1.42
N GLY B 187 9.59 7.61 0.56
CA GLY B 187 10.86 8.12 0.10
C GLY B 187 12.03 7.50 0.84
N ASN B 188 13.19 7.57 0.20
CA ASN B 188 14.48 7.12 0.73
C ASN B 188 14.55 5.61 0.93
N VAL B 189 13.60 4.83 0.40
CA VAL B 189 13.63 3.38 0.64
C VAL B 189 14.91 2.77 0.06
N GLY B 190 15.52 3.41 -0.93
CA GLY B 190 16.82 2.95 -1.40
C GLY B 190 17.88 3.02 -0.33
N LEU B 191 17.97 4.17 0.36
CA LEU B 191 18.85 4.26 1.52
C LEU B 191 18.49 3.20 2.57
N LEU B 192 17.18 3.01 2.81
CA LEU B 192 16.74 1.98 3.73
C LEU B 192 17.10 0.58 3.24
N ASP B 193 17.14 0.37 1.93
CA ASP B 193 17.69 -0.89 1.41
C ASP B 193 19.13 -1.04 1.84
N GLN B 194 19.92 0.02 1.72
CA GLN B 194 21.31 -0.03 2.16
C GLN B 194 21.40 -0.29 3.66
N ARG B 195 20.56 0.39 4.45
CA ARG B 195 20.59 0.19 5.89
C ARG B 195 20.31 -1.26 6.24
N MET B 196 19.39 -1.90 5.52
CA MET B 196 19.01 -3.26 5.89
C MET B 196 20.12 -4.24 5.57
N ALA B 197 20.81 -4.02 4.47
CA ALA B 197 21.97 -4.85 4.18
C ALA B 197 23.04 -4.69 5.26
N LEU B 198 23.27 -3.44 5.69
CA LEU B 198 24.23 -3.20 6.76
C LEU B 198 23.80 -3.92 8.03
N GLN B 199 22.49 -3.94 8.30
CA GLN B 199 21.96 -4.65 9.44
C GLN B 199 22.19 -6.15 9.30
N TRP B 200 22.03 -6.69 8.10
CA TRP B 200 22.28 -8.09 7.85
C TRP B 200 23.76 -8.43 8.09
N VAL B 201 24.67 -7.55 7.66
CA VAL B 201 26.09 -7.75 7.92
C VAL B 201 26.37 -7.75 9.41
N HIS B 202 25.83 -6.77 10.13
CA HIS B 202 25.94 -6.72 11.60
C HIS B 202 25.44 -8.01 12.25
N ASP B 203 24.48 -8.69 11.62
CA ASP B 203 23.88 -9.87 12.21
C ASP B 203 24.53 -11.18 11.76
N ASN B 204 25.25 -11.20 10.63
CA ASN B 204 25.73 -12.44 10.06
C ASN B 204 27.20 -12.45 9.63
N ILE B 205 27.88 -11.31 9.58
CA ILE B 205 29.20 -11.35 8.97
C ILE B 205 30.15 -12.18 9.82
N GLN B 206 29.87 -12.32 11.12
CA GLN B 206 30.70 -13.16 11.98
C GLN B 206 30.77 -14.60 11.50
N PHE B 207 29.70 -15.10 10.87
CA PHE B 207 29.71 -16.49 10.42
C PHE B 207 30.57 -16.69 9.19
N PHE B 208 31.02 -15.60 8.56
CA PHE B 208 31.89 -15.66 7.39
C PHE B 208 33.31 -15.26 7.74
N GLY B 209 33.61 -15.07 9.02
CA GLY B 209 34.92 -14.66 9.45
C GLY B 209 35.09 -13.18 9.65
N GLY B 210 34.03 -12.39 9.50
CA GLY B 210 34.10 -10.95 9.60
C GLY B 210 33.73 -10.46 10.99
N ASP B 211 34.44 -9.44 11.46
CA ASP B 211 34.16 -8.82 12.76
C ASP B 211 33.13 -7.72 12.57
N PRO B 212 31.89 -7.88 13.04
CA PRO B 212 30.89 -6.82 12.85
C PRO B 212 31.25 -5.51 13.53
N LYS B 213 32.19 -5.53 14.49
CA LYS B 213 32.62 -4.32 15.20
C LYS B 213 33.67 -3.53 14.44
N THR B 214 34.12 -4.00 13.27
CA THR B 214 35.10 -3.30 12.47
C THR B 214 34.65 -3.38 10.99
N VAL B 215 33.50 -2.75 10.72
CA VAL B 215 32.93 -2.68 9.38
C VAL B 215 33.14 -1.28 8.82
N THR B 216 33.69 -1.20 7.61
CA THR B 216 33.91 0.06 6.89
C THR B 216 33.01 0.09 5.65
N ILE B 217 32.14 1.08 5.58
CA ILE B 217 31.31 1.27 4.40
C ILE B 217 32.06 2.22 3.46
N PHE B 218 31.96 1.96 2.15
CA PHE B 218 32.62 2.82 1.20
C PHE B 218 31.92 2.71 -0.14
N GLY B 219 31.94 3.82 -0.87
CA GLY B 219 31.25 3.90 -2.15
C GLY B 219 31.66 5.14 -2.90
N GLU B 220 31.42 5.10 -4.21
CA GLU B 220 31.76 6.16 -5.14
C GLU B 220 30.48 6.83 -5.66
N SER B 221 30.60 8.12 -6.01
CA SER B 221 29.50 8.87 -6.64
C SER B 221 28.31 8.87 -5.69
N ALA B 222 27.13 8.42 -6.13
CA ALA B 222 26.00 8.31 -5.21
C ALA B 222 26.33 7.41 -4.02
N GLY B 223 27.19 6.41 -4.22
CA GLY B 223 27.62 5.59 -3.10
C GLY B 223 28.41 6.35 -2.06
N GLY B 224 29.23 7.31 -2.49
CA GLY B 224 29.94 8.15 -1.54
C GLY B 224 29.02 9.07 -0.77
N ALA B 225 28.04 9.66 -1.47
CA ALA B 225 27.02 10.43 -0.77
C ALA B 225 26.23 9.55 0.20
N SER B 226 25.91 8.32 -0.22
CA SER B 226 25.16 7.40 0.64
C SER B 226 25.92 7.13 1.93
N VAL B 227 27.20 6.78 1.81
CA VAL B 227 28.06 6.66 2.98
C VAL B 227 27.92 7.89 3.87
N GLY B 228 27.99 9.07 3.27
CA GLY B 228 27.84 10.28 4.07
C GLY B 228 26.47 10.38 4.71
N MET B 229 25.45 9.94 4.00
CA MET B 229 24.10 10.03 4.56
C MET B 229 23.91 9.05 5.71
N HIS B 230 24.63 7.93 5.71
CA HIS B 230 24.56 7.01 6.84
C HIS B 230 25.32 7.55 8.05
N ILE B 231 26.35 8.38 7.81
CA ILE B 231 27.02 9.08 8.89
C ILE B 231 26.06 10.05 9.56
N LEU B 232 25.21 10.70 8.77
CA LEU B 232 24.28 11.69 9.32
C LEU B 232 23.07 11.02 9.99
N SER B 233 22.50 10.01 9.36
CA SER B 233 21.25 9.43 9.84
C SER B 233 21.43 8.71 11.16
N PRO B 234 20.68 9.06 12.21
CA PRO B 234 20.82 8.33 13.50
C PRO B 234 20.54 6.83 13.40
N GLY B 235 19.52 6.43 12.63
CA GLY B 235 19.22 5.03 12.50
C GLY B 235 20.25 4.21 11.74
N SER B 236 21.34 4.82 11.26
CA SER B 236 22.38 4.08 10.58
C SER B 236 23.71 4.07 11.32
N ARG B 237 23.91 4.99 12.28
CA ARG B 237 25.24 5.23 12.82
C ARG B 237 25.82 4.00 13.52
N ASP B 238 24.97 3.12 14.07
CA ASP B 238 25.48 2.00 14.85
C ASP B 238 25.77 0.79 14.01
N LEU B 239 25.55 0.86 12.70
CA LEU B 239 25.67 -0.30 11.83
C LEU B 239 27.01 -0.37 11.10
N PHE B 240 27.97 0.49 11.45
CA PHE B 240 29.29 0.47 10.85
C PHE B 240 30.23 1.26 11.76
N ARG B 241 31.53 1.15 11.48
CA ARG B 241 32.58 1.69 12.32
C ARG B 241 33.22 2.95 11.75
N ARG B 242 33.68 2.90 10.49
CA ARG B 242 34.29 4.06 9.84
C ARG B 242 33.87 4.07 8.38
N ALA B 243 34.30 5.10 7.65
CA ALA B 243 33.70 5.42 6.36
C ALA B 243 34.74 5.91 5.36
N ILE B 244 34.56 5.52 4.10
CA ILE B 244 35.31 6.05 2.96
C ILE B 244 34.32 6.60 1.95
N LEU B 245 34.58 7.81 1.46
CA LEU B 245 33.73 8.46 0.46
C LEU B 245 34.57 8.83 -0.75
N GLN B 246 34.19 8.32 -1.93
CA GLN B 246 34.92 8.59 -3.16
C GLN B 246 34.05 9.37 -4.13
N SER B 247 34.50 10.57 -4.51
CA SER B 247 33.86 11.37 -5.56
C SER B 247 32.38 11.58 -5.27
N GLY B 248 32.05 11.83 -4.01
CA GLY B 248 30.68 12.03 -3.62
C GLY B 248 30.58 12.35 -2.13
N SER B 249 29.56 13.10 -1.75
CA SER B 249 29.37 13.49 -0.36
C SER B 249 27.91 13.88 -0.18
N PRO B 250 27.37 13.78 1.05
CA PRO B 250 25.91 13.90 1.21
C PRO B 250 25.36 15.28 0.87
N ASN B 251 26.18 16.32 0.92
CA ASN B 251 25.70 17.67 0.69
C ASN B 251 25.78 18.09 -0.78
N CYS B 252 26.13 17.17 -1.68
CA CYS B 252 26.20 17.50 -3.10
C CYS B 252 24.85 18.02 -3.60
N PRO B 253 24.85 18.96 -4.55
CA PRO B 253 23.56 19.55 -4.98
C PRO B 253 22.66 18.56 -5.71
N TRP B 254 23.23 17.56 -6.36
CA TRP B 254 22.45 16.53 -7.03
C TRP B 254 21.98 15.43 -6.10
N ALA B 255 22.25 15.51 -4.80
CA ALA B 255 22.15 14.34 -3.93
C ALA B 255 20.91 14.30 -3.05
N SER B 256 20.13 15.37 -2.97
CA SER B 256 18.88 15.32 -2.21
C SER B 256 17.92 16.37 -2.74
N VAL B 257 16.69 16.35 -2.23
CA VAL B 257 15.63 17.30 -2.56
C VAL B 257 14.72 17.48 -1.35
N SER B 258 13.91 18.55 -1.39
CA SER B 258 12.91 18.78 -0.35
C SER B 258 11.74 17.81 -0.50
N VAL B 259 10.86 17.80 0.50
CA VAL B 259 9.66 16.99 0.36
C VAL B 259 8.77 17.57 -0.74
N ALA B 260 8.76 18.91 -0.87
CA ALA B 260 7.93 19.53 -1.90
C ALA B 260 8.41 19.17 -3.30
N GLU B 261 9.72 19.25 -3.54
CA GLU B 261 10.23 18.93 -4.87
C GLU B 261 10.15 17.44 -5.16
N GLY B 262 10.27 16.60 -4.13
CA GLY B 262 10.06 15.18 -4.34
C GLY B 262 8.63 14.86 -4.70
N ARG B 263 7.68 15.47 -3.99
CA ARG B 263 6.27 15.30 -4.33
C ARG B 263 5.98 15.84 -5.71
N ARG B 264 6.56 17.00 -6.04
CA ARG B 264 6.35 17.59 -7.36
C ARG B 264 6.79 16.64 -8.46
N ARG B 265 8.01 16.11 -8.34
CA ARG B 265 8.50 15.18 -9.35
C ARG B 265 7.68 13.90 -9.37
N ALA B 266 7.19 13.45 -8.21
CA ALA B 266 6.36 12.25 -8.18
C ALA B 266 5.04 12.49 -8.91
N VAL B 267 4.37 13.59 -8.61
CA VAL B 267 3.12 13.92 -9.29
C VAL B 267 3.34 13.99 -10.79
N GLU B 268 4.46 14.58 -11.21
CA GLU B 268 4.72 14.74 -12.64
C GLU B 268 4.97 13.40 -13.31
N LEU B 269 5.68 12.49 -12.63
CA LEU B 269 5.83 11.14 -13.17
C LEU B 269 4.46 10.49 -13.37
N GLY B 270 3.53 10.76 -12.48
CA GLY B 270 2.16 10.33 -12.68
C GLY B 270 1.54 10.96 -13.90
N ARG B 271 1.53 12.29 -13.95
CA ARG B 271 0.99 13.01 -15.10
C ARG B 271 1.60 12.49 -16.41
N ASN B 272 2.91 12.22 -16.42
CA ASN B 272 3.56 11.72 -17.62
C ASN B 272 2.96 10.43 -18.15
N LEU B 273 2.28 9.66 -17.29
CA LEU B 273 1.68 8.38 -17.68
C LEU B 273 0.20 8.31 -17.35
N ASN B 274 -0.50 9.45 -17.38
CA ASN B 274 -1.96 9.50 -17.33
C ASN B 274 -2.52 8.85 -16.07
N CYS B 275 -1.82 9.06 -14.95
CA CYS B 275 -2.27 8.52 -13.67
C CYS B 275 -3.28 9.43 -13.01
N ASN B 276 -4.22 8.83 -12.30
CA ASN B 276 -5.09 9.62 -11.45
C ASN B 276 -4.24 10.33 -10.40
N LEU B 277 -4.36 11.65 -10.35
CA LEU B 277 -3.56 12.47 -9.46
C LEU B 277 -4.34 13.00 -8.26
N ASN B 278 -5.53 12.44 -8.00
CA ASN B 278 -6.36 13.02 -6.96
C ASN B 278 -5.75 12.84 -5.57
N SER B 279 -5.18 11.68 -5.31
CA SER B 279 -4.66 11.34 -3.99
C SER B 279 -3.34 10.63 -4.15
N ASP B 280 -2.56 10.66 -3.07
CA ASP B 280 -1.35 9.84 -3.04
C ASP B 280 -1.68 8.38 -3.34
N GLU B 281 -2.75 7.88 -2.75
CA GLU B 281 -3.05 6.46 -2.88
C GLU B 281 -3.52 6.10 -4.29
N GLU B 282 -4.31 6.96 -4.93
CA GLU B 282 -4.65 6.71 -6.33
C GLU B 282 -3.42 6.82 -7.22
N LEU B 283 -2.58 7.83 -6.95
CA LEU B 283 -1.35 7.98 -7.73
C LEU B 283 -0.43 6.79 -7.56
N ILE B 284 -0.22 6.37 -6.31
CA ILE B 284 0.65 5.24 -6.03
C ILE B 284 0.09 3.97 -6.66
N HIS B 285 -1.21 3.74 -6.49
CA HIS B 285 -1.82 2.58 -7.12
C HIS B 285 -1.60 2.59 -8.63
N CYS B 286 -1.83 3.74 -9.27
CA CYS B 286 -1.63 3.81 -10.73
C CYS B 286 -0.21 3.41 -11.10
N LEU B 287 0.79 3.95 -10.40
CA LEU B 287 2.18 3.69 -10.76
C LEU B 287 2.57 2.22 -10.49
N ARG B 288 2.01 1.59 -9.46
CA ARG B 288 2.32 0.19 -9.20
C ARG B 288 1.81 -0.74 -10.29
N GLU B 289 0.83 -0.30 -11.08
CA GLU B 289 0.36 -1.11 -12.20
C GLU B 289 1.24 -1.00 -13.43
N LYS B 290 2.06 0.04 -13.51
CA LYS B 290 2.92 0.26 -14.67
C LYS B 290 4.06 -0.75 -14.71
N LYS B 291 4.45 -1.12 -15.92
CA LYS B 291 5.63 -1.95 -16.10
CA LYS B 291 5.62 -1.96 -16.07
C LYS B 291 6.88 -1.16 -15.74
N PRO B 292 7.97 -1.84 -15.35
CA PRO B 292 9.18 -1.09 -14.94
C PRO B 292 9.69 -0.13 -16.00
N GLN B 293 9.90 -0.58 -17.24
CA GLN B 293 10.45 0.30 -18.26
C GLN B 293 9.49 1.44 -18.64
N GLU B 294 8.21 1.33 -18.28
CA GLU B 294 7.30 2.47 -18.46
C GLU B 294 7.72 3.64 -17.57
N LEU B 295 8.09 3.35 -16.31
CA LEU B 295 8.56 4.40 -15.42
C LEU B 295 9.90 4.96 -15.90
N ILE B 296 10.83 4.07 -16.22
CA ILE B 296 12.16 4.49 -16.63
C ILE B 296 12.09 5.40 -17.86
N ASP B 297 11.21 5.08 -18.81
CA ASP B 297 11.19 5.79 -20.09
C ASP B 297 10.86 7.27 -19.93
N VAL B 298 10.14 7.63 -18.87
CA VAL B 298 9.78 9.03 -18.62
C VAL B 298 10.49 9.58 -17.38
N GLU B 299 11.50 8.87 -16.88
CA GLU B 299 12.19 9.30 -15.67
C GLU B 299 12.76 10.70 -15.82
N TRP B 300 13.39 10.97 -16.96
CA TRP B 300 14.07 12.26 -17.15
C TRP B 300 13.09 13.40 -17.31
N ASN B 301 11.86 13.13 -17.72
CA ASN B 301 10.88 14.17 -18.03
C ASN B 301 10.38 14.94 -16.81
N VAL B 302 10.87 14.63 -15.60
CA VAL B 302 10.37 15.32 -14.41
C VAL B 302 11.37 16.31 -13.84
N LEU B 303 12.60 16.35 -14.36
CA LEU B 303 13.58 17.32 -13.89
C LEU B 303 13.06 18.74 -14.13
N PRO B 304 13.34 19.69 -13.23
CA PRO B 304 12.79 21.05 -13.41
C PRO B 304 13.48 21.84 -14.50
N PHE B 305 14.77 21.60 -14.77
CA PHE B 305 15.53 22.37 -15.73
C PHE B 305 16.14 21.45 -16.77
N ASP B 306 16.53 22.03 -17.91
CA ASP B 306 17.54 21.40 -18.75
C ASP B 306 18.87 21.45 -18.00
N SER B 307 19.41 20.28 -17.65
CA SER B 307 20.53 20.22 -16.74
C SER B 307 21.44 19.05 -17.10
N ILE B 308 22.68 19.13 -16.63
CA ILE B 308 23.56 17.98 -16.55
C ILE B 308 23.96 17.82 -15.09
N PHE B 309 24.30 16.58 -14.72
CA PHE B 309 24.59 16.22 -13.33
C PHE B 309 23.40 16.57 -12.43
N ARG B 310 22.21 16.21 -12.89
CA ARG B 310 20.99 16.30 -12.10
C ARG B 310 20.20 15.03 -12.34
N PHE B 311 19.63 14.50 -11.26
CA PHE B 311 18.96 13.21 -11.29
C PHE B 311 17.59 13.35 -10.64
N SER B 312 16.59 12.71 -11.24
CA SER B 312 15.20 12.95 -10.84
C SER B 312 14.91 12.43 -9.43
N PHE B 313 15.13 11.15 -9.21
CA PHE B 313 14.66 10.48 -8.00
C PHE B 313 15.85 10.18 -7.09
N VAL B 314 15.96 10.95 -6.01
CA VAL B 314 17.14 11.00 -5.15
C VAL B 314 16.64 11.07 -3.71
N PRO B 315 17.52 10.93 -2.69
CA PRO B 315 17.07 11.05 -1.30
C PRO B 315 16.27 12.32 -0.98
N VAL B 316 15.45 12.25 0.08
CA VAL B 316 14.62 13.37 0.51
C VAL B 316 15.03 13.79 1.90
N ILE B 317 15.03 15.11 2.13
CA ILE B 317 15.20 15.65 3.48
C ILE B 317 13.84 15.61 4.12
N ASP B 318 13.55 14.51 4.80
CA ASP B 318 12.19 14.15 5.20
C ASP B 318 11.90 14.40 6.67
N GLY B 319 12.91 14.39 7.52
CA GLY B 319 12.71 14.58 8.95
C GLY B 319 12.82 13.32 9.77
N GLU B 320 13.00 12.17 9.13
CA GLU B 320 13.05 10.88 9.83
C GLU B 320 14.37 10.17 9.59
N PHE B 321 14.71 9.87 8.35
CA PHE B 321 16.08 9.46 8.02
C PHE B 321 17.06 10.58 8.34
N PHE B 322 16.80 11.79 7.80
CA PHE B 322 17.56 12.97 8.18
C PHE B 322 16.73 13.79 9.15
N PRO B 323 17.07 13.83 10.44
CA PRO B 323 16.26 14.61 11.39
C PRO B 323 16.08 16.07 11.01
N THR B 324 17.15 16.78 10.66
CA THR B 324 17.00 18.16 10.18
C THR B 324 17.80 18.38 8.90
N SER B 325 17.89 19.63 8.46
CA SER B 325 18.68 19.94 7.27
C SER B 325 20.11 19.43 7.42
N LEU B 326 20.67 18.98 6.30
CA LEU B 326 22.06 18.50 6.29
C LEU B 326 23.03 19.52 6.85
N GLU B 327 22.84 20.80 6.53
CA GLU B 327 23.76 21.82 7.03
C GLU B 327 23.63 22.00 8.54
N SER B 328 22.39 22.05 9.05
CA SER B 328 22.22 22.15 10.49
C SER B 328 22.83 20.94 11.20
N MET B 329 22.65 19.74 10.64
CA MET B 329 23.27 18.57 11.23
C MET B 329 24.79 18.66 11.18
N LEU B 330 25.32 19.20 10.07
CA LEU B 330 26.76 19.41 10.00
C LEU B 330 27.21 20.51 10.97
N ASN B 331 26.35 21.50 11.21
CA ASN B 331 26.74 22.60 12.10
C ASN B 331 26.65 22.20 13.57
N SER B 332 25.53 21.62 13.98
CA SER B 332 25.38 21.20 15.37
C SER B 332 26.29 20.05 15.74
N GLY B 333 26.96 19.41 14.77
CA GLY B 333 27.72 18.21 15.07
C GLY B 333 26.90 16.95 15.17
N ASN B 334 25.65 16.97 14.67
CA ASN B 334 24.72 15.86 14.83
C ASN B 334 25.03 14.79 13.78
N PHE B 335 26.06 14.00 14.05
CA PHE B 335 26.42 12.91 13.16
C PHE B 335 27.35 11.96 13.89
N LYS B 336 27.66 10.84 13.23
CA LYS B 336 28.58 9.85 13.79
C LYS B 336 29.99 10.40 13.81
N LYS B 337 30.65 10.29 14.94
CA LYS B 337 31.99 10.83 15.13
C LYS B 337 32.97 9.67 15.04
N THR B 338 33.76 9.65 13.98
CA THR B 338 34.69 8.55 13.73
C THR B 338 35.75 9.05 12.76
N GLN B 339 36.42 8.11 12.08
CA GLN B 339 37.44 8.45 11.09
C GLN B 339 36.86 8.30 9.68
N ILE B 340 37.25 9.21 8.79
CA ILE B 340 36.82 9.19 7.40
C ILE B 340 38.04 9.34 6.51
N LEU B 341 38.01 8.64 5.38
CA LEU B 341 38.99 8.77 4.32
C LEU B 341 38.23 9.07 3.05
N LEU B 342 38.62 10.13 2.34
CA LEU B 342 37.78 10.59 1.25
C LEU B 342 38.60 11.42 0.27
N GLY B 343 38.08 11.53 -0.94
CA GLY B 343 38.80 12.26 -1.97
C GLY B 343 37.98 12.41 -3.24
N VAL B 344 38.65 12.94 -4.26
CA VAL B 344 38.02 13.27 -5.54
C VAL B 344 39.01 12.97 -6.66
N ASN B 345 38.51 12.98 -7.88
CA ASN B 345 39.35 12.85 -9.06
C ASN B 345 39.62 14.22 -9.70
N LYS B 346 40.60 14.24 -10.60
CA LYS B 346 41.06 15.51 -11.16
C LYS B 346 40.03 16.11 -12.10
N ASP B 347 39.32 15.28 -12.86
CA ASP B 347 38.44 15.78 -13.92
C ASP B 347 37.06 15.15 -13.81
N GLU B 348 36.40 15.37 -12.65
CA GLU B 348 35.10 14.76 -12.39
C GLU B 348 34.07 15.09 -13.45
N GLY B 349 34.20 16.23 -14.13
CA GLY B 349 33.07 16.68 -14.94
C GLY B 349 33.02 16.25 -16.38
N SER B 350 34.11 15.68 -16.91
CA SER B 350 34.21 15.44 -18.34
C SER B 350 33.18 14.41 -18.81
N PHE B 351 32.89 13.42 -17.96
CA PHE B 351 31.90 12.41 -18.33
C PHE B 351 30.54 13.07 -18.58
N PHE B 352 30.17 14.05 -17.79
CA PHE B 352 28.86 14.67 -17.96
C PHE B 352 28.84 15.65 -19.14
N LEU B 353 29.97 16.28 -19.45
CA LEU B 353 29.99 17.12 -20.63
C LEU B 353 29.95 16.28 -21.90
N LEU B 354 30.62 15.13 -21.90
CA LEU B 354 30.52 14.22 -23.04
C LEU B 354 29.07 13.91 -23.37
N TYR B 355 28.27 13.61 -22.35
CA TYR B 355 26.92 13.10 -22.57
C TYR B 355 25.87 14.19 -22.73
N GLY B 356 26.08 15.39 -22.19
CA GLY B 356 24.99 16.33 -22.16
C GLY B 356 25.28 17.76 -22.57
N ALA B 357 26.50 18.03 -23.04
CA ALA B 357 26.85 19.39 -23.37
C ALA B 357 27.25 19.52 -24.83
N PRO B 358 26.86 20.60 -25.49
CA PRO B 358 27.19 20.74 -26.92
C PRO B 358 28.69 20.90 -27.11
N GLY B 359 29.16 20.41 -28.27
CA GLY B 359 30.54 20.55 -28.67
C GLY B 359 31.47 19.47 -28.19
N PHE B 360 31.05 18.60 -27.28
CA PHE B 360 31.87 17.51 -26.76
C PHE B 360 31.61 16.23 -27.54
N SER B 361 32.68 15.52 -27.88
CA SER B 361 32.61 14.29 -28.66
CA SER B 361 32.61 14.29 -28.66
C SER B 361 33.60 13.27 -28.13
N LYS B 362 33.23 12.00 -28.23
CA LYS B 362 34.12 10.93 -27.81
C LYS B 362 35.35 10.86 -28.70
N ASP B 363 35.22 11.31 -29.95
CA ASP B 363 36.19 11.01 -31.00
C ASP B 363 37.05 12.21 -31.40
N SER B 364 36.74 13.41 -30.92
CA SER B 364 37.56 14.60 -31.15
C SER B 364 38.10 15.13 -29.83
N GLU B 365 38.94 16.18 -29.93
CA GLU B 365 39.47 16.88 -28.77
C GLU B 365 38.49 17.88 -28.18
N SER B 366 37.35 18.10 -28.84
CA SER B 366 36.23 18.79 -28.22
C SER B 366 36.63 20.20 -27.76
N LYS B 367 37.29 20.95 -28.63
CA LYS B 367 37.52 22.36 -28.35
C LYS B 367 36.19 23.08 -28.41
N ILE B 368 35.94 23.91 -27.41
CA ILE B 368 34.60 24.44 -27.16
C ILE B 368 34.58 25.90 -27.55
N SER B 369 33.62 26.27 -28.39
CA SER B 369 33.45 27.66 -28.77
C SER B 369 32.86 28.45 -27.61
N ARG B 370 32.89 29.77 -27.76
CA ARG B 370 32.38 30.64 -26.70
C ARG B 370 30.88 30.46 -26.54
N GLU B 371 30.17 30.17 -27.63
CA GLU B 371 28.73 29.98 -27.56
C GLU B 371 28.39 28.67 -26.85
N ASP B 372 29.10 27.60 -27.20
CA ASP B 372 28.92 26.32 -26.51
C ASP B 372 29.35 26.40 -25.06
N PHE B 373 30.39 27.18 -24.77
CA PHE B 373 30.77 27.42 -23.39
C PHE B 373 29.61 28.04 -22.63
N MET B 374 29.03 29.11 -23.17
CA MET B 374 27.91 29.75 -22.49
C MET B 374 26.78 28.76 -22.28
N SER B 375 26.49 27.94 -23.30
CA SER B 375 25.45 26.92 -23.18
C SER B 375 25.81 25.86 -22.15
N GLY B 376 27.10 25.54 -22.01
CA GLY B 376 27.51 24.63 -20.95
C GLY B 376 27.23 25.16 -19.57
N VAL B 377 27.62 26.42 -19.30
CA VAL B 377 27.48 26.98 -17.96
C VAL B 377 26.02 26.94 -17.53
N LYS B 378 25.11 27.19 -18.46
CA LYS B 378 23.69 27.18 -18.13
C LYS B 378 23.22 25.78 -17.74
N LEU B 379 23.57 24.78 -18.55
CA LEU B 379 23.23 23.40 -18.24
C LEU B 379 23.91 22.93 -16.95
N SER B 380 25.03 23.55 -16.57
CA SER B 380 25.81 23.10 -15.42
C SER B 380 25.34 23.73 -14.12
N VAL B 381 24.91 24.99 -14.16
CA VAL B 381 24.33 25.63 -12.99
C VAL B 381 22.88 25.94 -13.29
N PRO B 382 22.01 24.93 -13.39
CA PRO B 382 20.63 25.18 -13.82
C PRO B 382 19.83 26.02 -12.86
N HIS B 383 20.20 26.03 -11.60
CA HIS B 383 19.48 26.79 -10.59
C HIS B 383 19.90 28.26 -10.49
N ALA B 384 20.82 28.73 -11.33
CA ALA B 384 21.30 30.09 -11.21
C ALA B 384 20.46 31.05 -12.06
N ASN B 385 20.34 32.28 -11.56
CA ASN B 385 19.79 33.38 -12.34
C ASN B 385 20.90 33.92 -13.24
N ASP B 386 20.65 35.06 -13.89
CA ASP B 386 21.64 35.60 -14.82
C ASP B 386 22.87 36.13 -14.09
N LEU B 387 22.69 36.71 -12.90
CA LEU B 387 23.84 37.16 -12.14
C LEU B 387 24.72 35.98 -11.71
N GLY B 388 24.11 34.85 -11.35
CA GLY B 388 24.91 33.68 -11.04
C GLY B 388 25.72 33.20 -12.22
N LEU B 389 25.12 33.18 -13.42
CA LEU B 389 25.83 32.69 -14.59
C LEU B 389 27.01 33.59 -14.95
N ASP B 390 26.81 34.92 -14.91
CA ASP B 390 27.92 35.83 -15.13
C ASP B 390 29.03 35.61 -14.11
N ALA B 391 28.65 35.37 -12.85
CA ALA B 391 29.65 35.09 -11.81
C ALA B 391 30.46 33.84 -12.15
N VAL B 392 29.77 32.73 -12.49
CA VAL B 392 30.48 31.52 -12.91
C VAL B 392 31.35 31.82 -14.11
N THR B 393 30.77 32.45 -15.14
CA THR B 393 31.49 32.75 -16.37
C THR B 393 32.74 33.57 -16.10
N LEU B 394 32.59 34.68 -15.39
CA LEU B 394 33.75 35.50 -15.03
C LEU B 394 34.80 34.68 -14.30
N GLN B 395 34.38 33.83 -13.37
CA GLN B 395 35.32 33.12 -12.53
C GLN B 395 36.16 32.10 -13.30
N TYR B 396 35.68 31.63 -14.46
CA TYR B 396 36.35 30.56 -15.19
C TYR B 396 36.78 30.95 -16.61
N THR B 397 36.68 32.23 -16.98
CA THR B 397 37.08 32.72 -18.29
C THR B 397 38.37 33.51 -18.18
N ASP B 398 39.31 33.24 -19.09
CA ASP B 398 40.53 34.05 -19.25
C ASP B 398 40.28 35.08 -20.34
N TRP B 399 39.97 36.32 -19.96
CA TRP B 399 39.60 37.35 -20.93
C TRP B 399 40.79 37.92 -21.70
N MET B 400 41.99 37.37 -21.54
CA MET B 400 43.06 37.58 -22.49
C MET B 400 43.02 36.58 -23.63
N ASP B 401 42.11 35.60 -23.58
CA ASP B 401 42.18 34.46 -24.48
C ASP B 401 40.83 33.75 -24.54
N ASP B 402 39.75 34.53 -24.62
CA ASP B 402 38.40 33.97 -24.49
C ASP B 402 37.98 33.10 -25.67
N ASN B 403 38.68 33.15 -26.80
CA ASN B 403 38.38 32.31 -27.94
C ASN B 403 39.33 31.11 -28.05
N ASN B 404 39.95 30.73 -26.94
CA ASN B 404 40.76 29.53 -26.86
C ASN B 404 39.85 28.34 -26.53
N GLY B 405 39.66 27.47 -27.51
CA GLY B 405 38.75 26.35 -27.35
C GLY B 405 39.19 25.35 -26.29
N ILE B 406 40.50 25.17 -26.13
CA ILE B 406 41.01 24.31 -25.07
C ILE B 406 40.68 24.90 -23.69
N LYS B 407 41.06 26.15 -23.48
CA LYS B 407 40.79 26.81 -22.19
C LYS B 407 39.31 26.82 -21.88
N ASN B 408 38.46 26.98 -22.91
CA ASN B 408 37.02 26.95 -22.69
C ASN B 408 36.55 25.56 -22.32
N ARG B 409 37.06 24.53 -23.02
CA ARG B 409 36.73 23.16 -22.68
C ARG B 409 37.14 22.84 -21.26
N ASP B 410 38.40 23.12 -20.91
CA ASP B 410 38.89 22.84 -19.57
C ASP B 410 38.18 23.67 -18.52
N GLY B 411 37.71 24.86 -18.87
CA GLY B 411 36.96 25.65 -17.91
C GLY B 411 35.61 25.02 -17.60
N LEU B 412 34.85 24.69 -18.64
CA LEU B 412 33.61 23.96 -18.46
C LEU B 412 33.83 22.68 -17.65
N ASP B 413 34.94 21.98 -17.92
CA ASP B 413 35.22 20.76 -17.16
C ASP B 413 35.38 21.05 -15.68
N ASP B 414 36.12 22.11 -15.36
CA ASP B 414 36.34 22.46 -13.96
C ASP B 414 35.06 22.95 -13.31
N ILE B 415 34.23 23.71 -14.05
CA ILE B 415 32.95 24.16 -13.51
C ILE B 415 32.13 22.97 -13.04
N VAL B 416 32.02 21.92 -13.86
CA VAL B 416 31.20 20.78 -13.51
C VAL B 416 31.78 20.03 -12.32
N GLY B 417 33.09 19.75 -12.37
CA GLY B 417 33.71 19.00 -11.28
C GLY B 417 33.74 19.77 -9.98
N ASP B 418 34.06 21.07 -10.03
CA ASP B 418 34.14 21.85 -8.80
C ASP B 418 32.77 22.03 -8.17
N HIS B 419 31.76 22.40 -8.96
CA HIS B 419 30.45 22.68 -8.40
C HIS B 419 29.75 21.42 -7.89
N ASN B 420 29.97 20.28 -8.53
CA ASN B 420 29.19 19.09 -8.22
C ASN B 420 29.89 18.08 -7.31
N VAL B 421 31.22 18.05 -7.26
CA VAL B 421 31.89 17.03 -6.45
C VAL B 421 32.92 17.65 -5.52
N ILE B 422 33.89 18.36 -6.08
CA ILE B 422 35.05 18.78 -5.31
C ILE B 422 34.66 19.77 -4.22
N CYS B 423 34.00 20.85 -4.59
CA CYS B 423 33.65 21.84 -3.58
C CYS B 423 32.57 21.34 -2.62
N PRO B 424 31.54 20.61 -3.08
CA PRO B 424 30.62 20.01 -2.10
C PRO B 424 31.35 19.14 -1.09
N LEU B 425 32.32 18.38 -1.54
CA LEU B 425 33.01 17.48 -0.62
C LEU B 425 33.91 18.26 0.35
N MET B 426 34.58 19.32 -0.12
CA MET B 426 35.46 20.06 0.77
C MET B 426 34.69 20.75 1.88
N HIS B 427 33.47 21.19 1.58
CA HIS B 427 32.62 21.73 2.64
C HIS B 427 32.28 20.66 3.67
N PHE B 428 31.97 19.46 3.21
CA PHE B 428 31.75 18.34 4.12
C PHE B 428 33.00 18.04 4.93
N VAL B 429 34.15 17.98 4.25
CA VAL B 429 35.41 17.68 4.93
C VAL B 429 35.70 18.70 6.02
N ASN B 430 35.47 19.98 5.74
CA ASN B 430 35.77 20.99 6.73
C ASN B 430 34.80 20.89 7.90
N LYS B 431 33.50 20.83 7.61
CA LYS B 431 32.51 20.75 8.68
C LYS B 431 32.72 19.51 9.54
N TYR B 432 33.04 18.37 8.91
CA TYR B 432 33.14 17.12 9.65
C TYR B 432 34.38 17.10 10.53
N THR B 433 35.49 17.60 10.02
CA THR B 433 36.74 17.55 10.77
C THR B 433 36.64 18.32 12.09
N LYS B 434 35.75 19.30 12.17
CA LYS B 434 35.60 20.04 13.42
C LYS B 434 35.12 19.13 14.55
N PHE B 435 34.32 18.11 14.23
CA PHE B 435 33.78 17.20 15.23
C PHE B 435 34.27 15.77 15.12
N GLY B 436 34.85 15.37 13.99
CA GLY B 436 35.22 13.98 13.79
C GLY B 436 36.47 13.62 14.56
N ASN B 437 36.93 12.39 14.33
CA ASN B 437 38.08 11.83 15.03
C ASN B 437 39.15 11.37 14.05
N GLY B 438 39.21 11.99 12.87
CA GLY B 438 40.30 11.70 11.96
C GLY B 438 39.89 11.76 10.50
N THR B 439 40.44 12.70 9.76
CA THR B 439 40.14 12.89 8.35
C THR B 439 41.39 12.57 7.52
N TYR B 440 41.20 11.89 6.40
CA TYR B 440 42.26 11.66 5.43
C TYR B 440 41.74 11.99 4.03
N LEU B 441 42.42 12.90 3.34
CA LEU B 441 41.93 13.51 2.11
C LEU B 441 42.88 13.22 0.96
N TYR B 442 42.35 12.72 -0.16
CA TYR B 442 43.19 12.39 -1.30
C TYR B 442 42.71 13.13 -2.54
N PHE B 443 43.62 13.26 -3.50
CA PHE B 443 43.34 13.83 -4.81
C PHE B 443 43.89 12.86 -5.83
N PHE B 444 43.01 12.17 -6.53
CA PHE B 444 43.41 11.12 -7.46
C PHE B 444 43.53 11.73 -8.86
N ASN B 445 44.75 11.78 -9.39
CA ASN B 445 45.01 12.47 -10.65
C ASN B 445 45.83 11.63 -11.63
N HIS B 446 45.89 10.32 -11.45
CA HIS B 446 46.56 9.48 -12.44
C HIS B 446 45.59 9.14 -13.55
N ARG B 447 46.04 9.23 -14.80
CA ARG B 447 45.25 8.82 -15.95
C ARG B 447 45.75 7.47 -16.44
N ALA B 448 44.85 6.49 -16.50
CA ALA B 448 45.27 5.11 -16.74
C ALA B 448 45.90 4.96 -18.12
N SER B 449 47.01 4.22 -18.16
CA SER B 449 47.77 4.03 -19.40
C SER B 449 46.99 3.25 -20.45
N ASN B 450 45.80 2.77 -20.13
CA ASN B 450 45.03 1.94 -21.05
C ASN B 450 43.60 2.47 -21.20
N LEU B 451 43.37 3.73 -20.87
CA LEU B 451 42.03 4.30 -20.98
C LEU B 451 41.55 4.24 -22.42
N VAL B 452 40.26 3.95 -22.58
CA VAL B 452 39.64 3.85 -23.89
C VAL B 452 38.96 5.15 -24.31
N TRP B 453 38.94 6.13 -23.43
CA TRP B 453 38.37 7.46 -23.55
C TRP B 453 39.45 8.46 -23.96
N PRO B 454 39.07 9.54 -24.65
CA PRO B 454 40.08 10.46 -25.20
C PRO B 454 40.75 11.29 -24.12
N GLU B 455 41.95 11.77 -24.47
CA GLU B 455 42.81 12.45 -23.50
C GLU B 455 42.13 13.66 -22.86
N TRP B 456 41.28 14.37 -23.61
CA TRP B 456 40.73 15.62 -23.08
C TRP B 456 39.86 15.38 -21.86
N MET B 457 39.32 14.17 -21.68
CA MET B 457 38.50 13.93 -20.50
C MET B 457 39.31 13.64 -19.25
N GLY B 458 40.63 13.49 -19.36
CA GLY B 458 41.48 13.46 -18.18
C GLY B 458 41.19 12.30 -17.25
N VAL B 459 41.17 12.60 -15.95
CA VAL B 459 40.96 11.62 -14.90
C VAL B 459 39.47 11.58 -14.59
N ILE B 460 38.79 10.54 -15.05
CA ILE B 460 37.34 10.54 -15.23
C ILE B 460 36.64 10.12 -13.95
N HIS B 461 35.44 10.67 -13.76
CA HIS B 461 34.46 10.23 -12.79
C HIS B 461 34.24 8.72 -12.89
N GLY B 462 34.69 7.96 -11.89
CA GLY B 462 34.54 6.52 -11.85
C GLY B 462 35.85 5.76 -11.96
N TYR B 463 36.88 6.36 -12.57
CA TYR B 463 38.04 5.59 -13.00
C TYR B 463 39.13 5.51 -11.94
N GLU B 464 38.81 5.84 -10.69
CA GLU B 464 39.67 5.45 -9.59
C GLU B 464 39.23 4.13 -8.98
N ILE B 465 37.99 3.71 -9.23
CA ILE B 465 37.46 2.48 -8.65
C ILE B 465 38.32 1.29 -9.04
N GLU B 466 38.80 1.25 -10.29
CA GLU B 466 39.58 0.10 -10.73
C GLU B 466 40.83 -0.09 -9.87
N PHE B 467 41.47 1.00 -9.47
CA PHE B 467 42.67 0.87 -8.63
C PHE B 467 42.32 0.49 -7.19
N VAL B 468 41.19 0.99 -6.69
CA VAL B 468 40.74 0.61 -5.35
C VAL B 468 40.48 -0.89 -5.29
N PHE B 469 39.96 -1.47 -6.36
CA PHE B 469 39.62 -2.88 -6.42
C PHE B 469 40.72 -3.75 -7.01
N GLY B 470 41.87 -3.19 -7.37
CA GLY B 470 43.02 -4.01 -7.74
C GLY B 470 42.97 -4.62 -9.12
N LEU B 471 42.06 -4.18 -9.99
CA LEU B 471 42.09 -4.60 -11.39
C LEU B 471 43.46 -4.43 -12.05
N PRO B 472 44.30 -3.45 -11.67
CA PRO B 472 45.67 -3.42 -12.21
C PRO B 472 46.56 -4.59 -11.80
N LEU B 473 46.13 -5.44 -10.87
CA LEU B 473 46.91 -6.63 -10.54
C LEU B 473 46.72 -7.77 -11.53
N VAL B 474 45.80 -7.62 -12.48
CA VAL B 474 45.54 -8.62 -13.51
C VAL B 474 46.42 -8.31 -14.71
N LYS B 475 47.34 -9.23 -15.03
CA LYS B 475 48.27 -8.98 -16.12
C LYS B 475 47.58 -8.86 -17.47
N GLU B 476 46.49 -9.62 -17.67
CA GLU B 476 45.79 -9.59 -18.94
C GLU B 476 45.13 -8.25 -19.22
N LEU B 477 44.88 -7.45 -18.18
CA LEU B 477 44.25 -6.15 -18.38
C LEU B 477 45.23 -5.09 -18.82
N ASN B 478 46.52 -5.43 -18.96
CA ASN B 478 47.48 -4.59 -19.68
C ASN B 478 47.66 -3.22 -19.01
N TYR B 479 47.78 -3.21 -17.68
CA TYR B 479 48.25 -2.05 -16.93
C TYR B 479 49.77 -2.08 -16.84
N THR B 480 50.35 -0.96 -16.41
CA THR B 480 51.79 -0.87 -16.27
C THR B 480 52.23 -1.36 -14.89
N ALA B 481 53.51 -1.74 -14.81
CA ALA B 481 54.07 -2.22 -13.56
C ALA B 481 53.92 -1.19 -12.45
N GLU B 482 53.98 0.11 -12.80
CA GLU B 482 53.84 1.17 -11.82
C GLU B 482 52.38 1.43 -11.44
N GLU B 483 51.44 1.08 -12.32
CA GLU B 483 50.03 1.17 -11.94
C GLU B 483 49.63 0.06 -11.00
N GLU B 484 50.18 -1.15 -11.19
CA GLU B 484 49.92 -2.20 -10.22
C GLU B 484 50.45 -1.82 -8.85
N ALA B 485 51.59 -1.13 -8.79
CA ALA B 485 52.09 -0.67 -7.49
C ALA B 485 51.22 0.43 -6.91
N LEU B 486 50.71 1.32 -7.75
CA LEU B 486 49.77 2.33 -7.25
C LEU B 486 48.52 1.69 -6.69
N SER B 487 47.91 0.77 -7.46
CA SER B 487 46.71 0.07 -6.98
C SER B 487 46.96 -0.67 -5.67
N ARG B 488 48.17 -1.20 -5.47
CA ARG B 488 48.46 -1.88 -4.22
C ARG B 488 48.58 -0.89 -3.06
N ARG B 489 49.22 0.27 -3.30
CA ARG B 489 49.23 1.32 -2.30
C ARG B 489 47.80 1.69 -1.89
N ILE B 490 46.93 1.88 -2.88
CA ILE B 490 45.56 2.30 -2.63
C ILE B 490 44.80 1.25 -1.86
N MET B 491 44.86 -0.01 -2.31
CA MET B 491 44.19 -1.08 -1.58
C MET B 491 44.67 -1.14 -0.13
N HIS B 492 45.99 -1.06 0.08
CA HIS B 492 46.52 -1.13 1.44
C HIS B 492 46.12 0.09 2.25
N TYR B 493 46.15 1.29 1.66
CA TYR B 493 45.60 2.47 2.33
C TYR B 493 44.18 2.22 2.81
N TRP B 494 43.31 1.81 1.88
CA TRP B 494 41.91 1.56 2.19
C TRP B 494 41.77 0.50 3.28
N ALA B 495 42.36 -0.67 3.05
CA ALA B 495 42.22 -1.76 4.02
C ALA B 495 42.85 -1.41 5.36
N THR B 496 44.06 -0.82 5.35
CA THR B 496 44.69 -0.42 6.61
C THR B 496 43.80 0.57 7.35
N PHE B 497 43.33 1.60 6.64
CA PHE B 497 42.41 2.56 7.27
C PHE B 497 41.21 1.84 7.85
N ALA B 498 40.59 0.94 7.09
CA ALA B 498 39.46 0.17 7.61
C ALA B 498 39.85 -0.61 8.86
N LYS B 499 41.01 -1.27 8.85
CA LYS B 499 41.42 -2.06 9.99
C LYS B 499 41.67 -1.19 11.23
N THR B 500 42.24 0.00 11.04
CA THR B 500 42.79 0.77 12.14
C THR B 500 42.28 2.19 12.28
N GLY B 501 41.66 2.77 11.25
CA GLY B 501 41.36 4.19 11.25
C GLY B 501 42.51 5.06 10.78
N ASN B 502 43.56 4.47 10.24
CA ASN B 502 44.74 5.17 9.78
C ASN B 502 45.27 4.51 8.51
N PRO B 503 45.29 5.21 7.38
CA PRO B 503 45.83 4.59 6.14
C PRO B 503 47.29 4.24 6.23
N ASN B 504 48.01 4.71 7.25
CA ASN B 504 49.43 4.44 7.39
C ASN B 504 49.68 3.30 8.37
N GLU B 505 50.53 2.37 7.97
CA GLU B 505 51.03 1.37 8.90
C GLU B 505 52.01 2.03 9.86
N PRO B 506 51.88 1.79 11.16
CA PRO B 506 52.83 2.36 12.13
C PRO B 506 54.23 1.81 11.92
N HIS B 507 55.22 2.60 12.33
CA HIS B 507 56.62 2.20 12.34
C HIS B 507 57.16 1.73 10.99
N SER B 508 56.40 1.95 9.92
CA SER B 508 56.93 1.76 8.58
C SER B 508 57.62 3.05 8.14
N GLN B 509 58.68 2.89 7.34
CA GLN B 509 59.40 4.05 6.82
C GLN B 509 58.93 4.43 5.42
N GLU B 510 57.64 4.22 5.13
CA GLU B 510 57.04 4.78 3.93
C GLU B 510 56.53 6.18 4.25
N SER B 511 56.36 6.98 3.18
CA SER B 511 55.83 8.33 3.37
C SER B 511 54.46 8.27 4.03
N LYS B 512 54.22 9.17 4.98
CA LYS B 512 53.04 9.13 5.82
C LYS B 512 51.98 10.08 5.26
N TRP B 513 50.82 9.51 4.92
CA TRP B 513 49.66 10.28 4.54
C TRP B 513 49.22 11.14 5.72
N PRO B 514 49.38 12.47 5.66
CA PRO B 514 49.08 13.28 6.85
C PRO B 514 47.59 13.41 7.06
N LEU B 515 47.22 13.34 8.33
CA LEU B 515 45.91 13.74 8.81
C LEU B 515 45.53 15.14 8.32
N PHE B 516 44.28 15.29 7.89
CA PHE B 516 43.72 16.58 7.49
C PHE B 516 43.17 17.29 8.73
N THR B 517 43.74 18.45 9.06
CA THR B 517 43.31 19.24 10.20
C THR B 517 42.61 20.51 9.76
N THR B 518 41.88 21.10 10.71
CA THR B 518 41.12 22.32 10.45
C THR B 518 42.02 23.44 9.91
N LYS B 519 43.24 23.58 10.44
CA LYS B 519 44.06 24.73 10.11
C LYS B 519 45.09 24.49 9.02
N GLU B 520 45.72 23.32 8.95
CA GLU B 520 46.71 23.09 7.91
C GLU B 520 46.15 22.39 6.68
N GLN B 521 45.05 21.64 6.81
CA GLN B 521 44.25 21.18 5.68
C GLN B 521 45.07 20.42 4.64
N LYS B 522 45.96 19.54 5.11
CA LYS B 522 46.82 18.78 4.21
C LYS B 522 46.06 17.62 3.57
N PHE B 523 46.48 17.29 2.36
CA PHE B 523 45.99 16.13 1.62
C PHE B 523 47.13 15.61 0.77
N ILE B 524 46.89 14.53 0.03
CA ILE B 524 47.93 13.93 -0.79
C ILE B 524 47.40 13.67 -2.19
N ASP B 525 48.31 13.65 -3.16
CA ASP B 525 48.00 13.10 -4.47
C ASP B 525 48.09 11.58 -4.40
N LEU B 526 47.29 10.93 -5.24
CA LEU B 526 47.39 9.50 -5.51
C LEU B 526 47.72 9.36 -6.99
N ASN B 527 48.97 8.99 -7.28
CA ASN B 527 49.38 8.74 -8.65
C ASN B 527 50.62 7.85 -8.59
N THR B 528 51.30 7.73 -9.72
CA THR B 528 52.47 6.88 -9.81
C THR B 528 53.72 7.53 -9.25
N GLU B 529 53.76 8.86 -9.16
CA GLU B 529 54.92 9.56 -8.60
C GLU B 529 54.94 9.40 -7.08
N PRO B 530 56.11 9.59 -6.45
CA PRO B 530 56.16 9.56 -4.99
C PRO B 530 55.27 10.64 -4.40
N MET B 531 54.67 10.32 -3.26
CA MET B 531 53.61 11.16 -2.70
C MET B 531 54.15 12.53 -2.30
N LYS B 532 53.34 13.56 -2.55
CA LYS B 532 53.59 14.90 -2.07
C LYS B 532 52.41 15.37 -1.24
N VAL B 533 52.66 16.22 -0.27
CA VAL B 533 51.63 16.78 0.60
C VAL B 533 51.35 18.20 0.14
N HIS B 534 50.09 18.49 -0.16
CA HIS B 534 49.64 19.83 -0.48
C HIS B 534 48.67 20.32 0.60
N GLN B 535 48.28 21.58 0.50
CA GLN B 535 47.30 22.16 1.40
C GLN B 535 46.23 22.90 0.59
N ARG B 536 45.02 22.97 1.17
CA ARG B 536 43.90 23.76 0.64
C ARG B 536 43.57 23.36 -0.81
N LEU B 537 42.89 22.22 -0.94
CA LEU B 537 42.52 21.66 -2.23
C LEU B 537 41.49 22.55 -2.91
N ARG B 538 41.86 23.14 -4.05
CA ARG B 538 41.00 24.02 -4.84
C ARG B 538 40.23 25.00 -3.97
N VAL B 539 40.95 25.65 -3.05
CA VAL B 539 40.31 26.56 -2.10
C VAL B 539 39.78 27.80 -2.81
N GLN B 540 40.49 28.30 -3.82
CA GLN B 540 40.05 29.49 -4.52
C GLN B 540 38.67 29.29 -5.15
N MET B 541 38.55 28.29 -6.01
CA MET B 541 37.27 28.02 -6.65
C MET B 541 36.19 27.61 -5.65
N CYS B 542 36.56 26.94 -4.56
CA CYS B 542 35.56 26.47 -3.63
C CYS B 542 35.10 27.54 -2.64
N VAL B 543 35.89 28.60 -2.45
CA VAL B 543 35.36 29.77 -1.77
C VAL B 543 34.20 30.36 -2.58
N PHE B 544 34.37 30.39 -3.91
CA PHE B 544 33.32 30.86 -4.78
C PHE B 544 32.10 29.94 -4.73
N TRP B 545 32.31 28.63 -4.82
CA TRP B 545 31.17 27.71 -4.88
C TRP B 545 30.54 27.52 -3.51
N ASN B 546 31.31 27.57 -2.44
CA ASN B 546 30.74 27.32 -1.11
C ASN B 546 30.30 28.60 -0.39
N GLN B 547 30.93 29.73 -0.65
CA GLN B 547 30.61 30.92 0.13
C GLN B 547 30.05 32.07 -0.68
N PHE B 548 30.59 32.35 -1.86
CA PHE B 548 30.14 33.52 -2.60
C PHE B 548 28.87 33.25 -3.40
N LEU B 549 28.93 32.31 -4.36
CA LEU B 549 27.76 32.04 -5.21
C LEU B 549 26.49 31.78 -4.42
N PRO B 550 26.47 30.92 -3.39
CA PRO B 550 25.23 30.75 -2.62
C PRO B 550 24.74 32.04 -2.01
N LYS B 551 25.67 32.88 -1.56
CA LYS B 551 25.29 34.17 -1.01
C LYS B 551 24.69 35.07 -2.09
N LEU B 552 25.26 35.03 -3.30
CA LEU B 552 24.73 35.86 -4.39
C LEU B 552 23.36 35.36 -4.84
N LEU B 553 23.17 34.05 -4.92
CA LEU B 553 21.87 33.51 -5.32
C LEU B 553 20.82 33.73 -4.23
N ASN B 554 21.21 33.69 -2.96
CA ASN B 554 20.26 33.98 -1.90
C ASN B 554 19.88 35.46 -1.90
N ALA B 555 20.77 36.34 -2.36
CA ALA B 555 20.46 37.76 -2.38
C ALA B 555 19.74 38.20 -3.65
N THR B 556 19.64 37.33 -4.65
CA THR B 556 19.07 37.73 -5.94
C THR B 556 18.19 36.65 -6.56
#